data_4Q84
#
_entry.id   4Q84
#
_cell.length_a   68.946
_cell.length_b   140.386
_cell.length_c   163.345
_cell.angle_alpha   90.00
_cell.angle_beta   90.00
_cell.angle_gamma   90.00
#
_symmetry.space_group_name_H-M   'P 21 21 21'
#
loop_
_entity.id
_entity.type
_entity.pdbx_description
1 polymer 'Ribosomal protein S12 methylthiotransferase accessory factor YcaO'
2 non-polymer 'MERCURY (II) ION'
3 water water
#
_entity_poly.entity_id   1
_entity_poly.type   'polypeptide(L)'
_entity_poly.pdbx_seq_one_letter_code
;MTQTFIPGKDAALEDSIARFQQKLSDLGFQIEEASWLNPVPNVWSVHIRDKECALCFTNGKGATKKAALASALGEYFERL
STNYFFADFWLGETIANGPFVHYPNEKWFPLTENDDVPEGLLDDRLRAFYDPENELTGSMLIDLQSGNEDRGICGLPFTR
QSDNQTVYIPMNIIGNLYVSNGMSAGNTRNEARVQGLSEVFERYVKNRIIAESISLPEIPADVLARYPAVVEAIETLEAE
GFPIFAYDGSLGGQYPVICVVLFNPANGTCFASFGAHPDFGVALERTVTELLQGRGLKDLDVFTPPTFDDEEVAEHTNLE
THFIDSSGLISWDLFKQDADYPFVDWNFSGTTEEEFATLMAIFNKEDKEVYIADYEHLGVYACRIIVPGMSDIYPAEDLW
LANNSMGSHLRETILSLPGSEWEKEDYLNLIEQLDEEGFDDFTRVRELLGLATGSDNGWYTLRIGELKAMLALAGGDLEQ
ALVWTEWTMEFNSSVFSPERANYYRCLQTLLLLAQEEDRQPLQYLNAFVRMYGADAVEAASAAMSGEAAFYGLQPVDSDL
HAFAAHQSLLKAYEKLQRAKAAFWAK
;
_entity_poly.pdbx_strand_id   A,B
#
loop_
_chem_comp.id
_chem_comp.type
_chem_comp.name
_chem_comp.formula
HG non-polymer 'MERCURY (II) ION' 'Hg 2'
#
# COMPACT_ATOMS: atom_id res chain seq x y z
N ALA A 11 4.61 43.18 24.78
CA ALA A 11 5.06 43.99 23.59
C ALA A 11 4.12 44.05 22.35
N ALA A 12 4.27 45.10 21.54
CA ALA A 12 3.58 45.23 20.23
C ALA A 12 4.26 44.28 19.25
N LEU A 13 3.50 43.81 18.26
CA LEU A 13 3.99 42.73 17.37
C LEU A 13 5.11 43.19 16.49
N GLU A 14 4.92 44.36 15.86
CA GLU A 14 5.89 44.96 14.91
C GLU A 14 7.25 45.14 15.57
N ASP A 15 7.18 45.45 16.86
CA ASP A 15 8.34 45.65 17.69
C ASP A 15 9.00 44.33 18.13
N SER A 16 8.20 43.31 18.45
CA SER A 16 8.79 41.99 18.76
C SER A 16 9.48 41.42 17.53
N ILE A 17 8.82 41.53 16.38
CA ILE A 17 9.35 40.98 15.16
C ILE A 17 10.72 41.64 14.94
N ALA A 18 10.73 42.96 14.88
CA ALA A 18 11.96 43.74 14.68
C ALA A 18 13.04 43.37 15.67
N ARG A 19 12.70 43.39 16.95
CA ARG A 19 13.67 43.08 17.99
C ARG A 19 14.26 41.68 17.73
N PHE A 20 13.41 40.70 17.36
CA PHE A 20 13.90 39.35 17.11
C PHE A 20 14.81 39.24 15.90
N GLN A 21 14.37 39.77 14.77
CA GLN A 21 15.15 39.64 13.54
C GLN A 21 16.57 40.24 13.65
N GLN A 22 16.65 41.33 14.38
CA GLN A 22 17.91 41.94 14.61
C GLN A 22 18.81 41.03 15.42
N LYS A 23 18.30 40.56 16.55
CA LYS A 23 19.12 39.73 17.41
C LYS A 23 19.57 38.48 16.71
N LEU A 24 18.78 38.00 15.77
CA LEU A 24 19.17 36.83 15.01
C LEU A 24 20.31 37.12 14.08
N SER A 25 20.15 38.16 13.24
CA SER A 25 21.27 38.58 12.37
C SER A 25 22.54 38.76 13.19
N ASP A 26 22.42 39.45 14.32
CA ASP A 26 23.59 39.69 15.15
C ASP A 26 24.24 38.40 15.64
N LEU A 27 23.51 37.29 15.67
CA LEU A 27 24.09 36.03 16.11
C LEU A 27 24.69 35.25 14.97
N GLY A 28 24.47 35.74 13.77
CA GLY A 28 24.90 35.07 12.58
C GLY A 28 23.84 34.23 11.94
N PHE A 29 22.56 34.47 12.25
CA PHE A 29 21.48 33.61 11.72
C PHE A 29 20.70 34.37 10.69
N GLN A 30 20.71 33.86 9.46
CA GLN A 30 19.93 34.38 8.34
C GLN A 30 18.68 33.53 8.23
N ILE A 31 17.54 34.11 8.61
CA ILE A 31 16.26 33.40 8.71
C ILE A 31 15.30 33.81 7.62
N GLU A 32 14.54 32.85 7.12
CA GLU A 32 13.83 33.03 5.89
C GLU A 32 12.43 32.52 6.14
N GLU A 33 11.42 33.35 5.94
CA GLU A 33 10.02 32.88 5.89
C GLU A 33 9.89 31.96 4.73
N ALA A 34 9.44 30.75 4.96
CA ALA A 34 9.46 29.75 3.91
C ALA A 34 8.09 29.64 3.26
N SER A 35 7.11 29.21 4.06
CA SER A 35 5.77 28.97 3.55
C SER A 35 4.83 29.62 4.54
N TRP A 36 3.66 29.98 4.04
CA TRP A 36 2.69 30.84 4.71
C TRP A 36 1.34 30.25 4.45
N LEU A 37 0.47 30.26 5.45
CA LEU A 37 -0.87 29.75 5.25
C LEU A 37 -1.90 30.60 5.95
N ASN A 38 -3.01 30.83 5.24
CA ASN A 38 -4.15 31.50 5.79
C ASN A 38 -5.39 30.70 5.36
N PRO A 39 -5.52 29.45 5.87
CA PRO A 39 -6.55 28.52 5.42
C PRO A 39 -7.98 28.96 5.69
N VAL A 40 -8.19 29.71 6.76
CA VAL A 40 -9.51 30.28 7.06
C VAL A 40 -9.28 31.64 7.72
N PRO A 41 -10.31 32.49 7.70
CA PRO A 41 -10.22 33.79 8.30
C PRO A 41 -9.67 33.76 9.71
N ASN A 42 -8.72 34.63 10.00
CA ASN A 42 -8.18 34.77 11.34
C ASN A 42 -7.35 33.57 11.80
N VAL A 43 -6.83 32.81 10.84
CA VAL A 43 -5.93 31.69 11.13
C VAL A 43 -4.73 31.72 10.18
N TRP A 44 -3.55 31.93 10.76
CA TRP A 44 -2.32 32.04 10.03
C TRP A 44 -1.27 31.15 10.62
N SER A 45 -0.50 30.52 9.74
CA SER A 45 0.74 29.86 10.16
C SER A 45 1.83 30.18 9.14
N VAL A 46 3.06 30.12 9.65
CA VAL A 46 4.21 30.39 8.87
C VAL A 46 5.27 29.36 9.29
N HIS A 47 6.13 29.02 8.35
CA HIS A 47 7.30 28.16 8.55
C HIS A 47 8.58 28.96 8.33
N ILE A 48 9.59 28.78 9.18
CA ILE A 48 10.79 29.61 9.21
C ILE A 48 12.08 28.76 9.23
N ARG A 49 13.08 29.09 8.40
CA ARG A 49 14.32 28.29 8.14
C ARG A 49 15.57 29.12 8.35
N ASP A 50 16.70 28.47 8.62
CA ASP A 50 18.03 29.08 8.37
C ASP A 50 18.20 29.30 6.82
N ALA A 54 18.81 25.25 7.35
CA ALA A 54 17.77 24.87 6.41
C ALA A 54 16.96 23.71 6.99
N LEU A 55 17.57 22.87 7.83
CA LEU A 55 16.80 21.98 8.70
C LEU A 55 16.74 22.61 10.08
N CYS A 56 17.29 23.84 10.23
CA CYS A 56 17.14 24.65 11.45
C CYS A 56 15.86 25.46 11.23
N PHE A 57 14.73 24.95 11.75
CA PHE A 57 13.43 25.57 11.53
C PHE A 57 12.49 25.58 12.73
N THR A 58 11.50 26.48 12.66
CA THR A 58 10.35 26.50 13.56
C THR A 58 9.12 26.87 12.79
N ASN A 59 7.99 26.78 13.47
CA ASN A 59 6.73 27.27 12.97
C ASN A 59 6.07 28.24 13.95
N GLY A 60 5.14 29.02 13.41
CA GLY A 60 4.41 29.97 14.19
C GLY A 60 2.96 29.96 13.76
N LYS A 61 2.13 30.38 14.70
CA LYS A 61 0.69 30.41 14.50
C LYS A 61 0.11 31.71 15.06
N GLY A 62 -1.01 32.15 14.48
CA GLY A 62 -1.72 33.31 15.03
C GLY A 62 -2.98 33.72 14.29
N ALA A 63 -3.66 34.70 14.85
CA ALA A 63 -4.88 35.23 14.23
C ALA A 63 -4.56 36.16 13.09
N THR A 64 -3.30 36.60 13.00
CA THR A 64 -2.86 37.45 11.92
C THR A 64 -1.49 37.04 11.45
N LYS A 65 -1.19 37.47 10.23
CA LYS A 65 0.12 37.27 9.62
C LYS A 65 1.25 37.69 10.57
N LYS A 66 1.16 38.88 11.14
CA LYS A 66 2.22 39.34 12.05
C LYS A 66 2.33 38.50 13.34
N ALA A 67 1.18 38.09 13.87
CA ALA A 67 1.14 37.23 15.05
C ALA A 67 1.87 35.92 14.75
N ALA A 68 1.65 35.37 13.56
CA ALA A 68 2.24 34.10 13.20
C ALA A 68 3.75 34.21 13.20
N LEU A 69 4.23 35.26 12.57
CA LEU A 69 5.66 35.44 12.44
C LEU A 69 6.31 35.65 13.79
N ALA A 70 5.68 36.44 14.65
CA ALA A 70 6.24 36.65 16.00
C ALA A 70 6.26 35.34 16.79
N SER A 71 5.25 34.50 16.53
CA SER A 71 5.18 33.16 17.10
C SER A 71 6.39 32.37 16.61
N ALA A 72 6.61 32.38 15.30
CA ALA A 72 7.71 31.57 14.78
C ALA A 72 9.08 32.01 15.30
N LEU A 73 9.29 33.33 15.38
CA LEU A 73 10.59 33.81 15.83
C LEU A 73 10.75 33.55 17.30
N GLY A 74 9.64 33.63 18.02
CA GLY A 74 9.64 33.27 19.45
C GLY A 74 10.09 31.84 19.61
N GLU A 75 9.48 30.96 18.84
CA GLU A 75 9.81 29.56 18.90
C GLU A 75 11.27 29.38 18.54
N TYR A 76 11.72 30.12 17.52
CA TYR A 76 13.12 30.02 17.10
C TYR A 76 14.06 30.31 18.27
N PHE A 77 13.84 31.40 19.00
CA PHE A 77 14.71 31.71 20.16
C PHE A 77 14.60 30.72 21.31
N GLU A 78 13.39 30.20 21.45
CA GLU A 78 13.07 29.18 22.40
C GLU A 78 13.92 27.95 22.17
N ARG A 79 14.02 27.54 20.92
CA ARG A 79 14.71 26.33 20.56
C ARG A 79 16.21 26.53 20.53
N LEU A 80 16.63 27.71 20.07
CA LEU A 80 18.04 28.05 20.11
C LEU A 80 18.54 28.12 21.55
N SER A 81 17.78 28.71 22.45
CA SER A 81 18.26 28.99 23.79
C SER A 81 18.36 27.70 24.60
N THR A 82 17.53 26.73 24.25
CA THR A 82 17.50 25.43 24.95
C THR A 82 18.40 24.35 24.27
N ASN A 83 19.01 24.72 23.16
CA ASN A 83 19.84 23.85 22.34
C ASN A 83 19.01 22.78 21.71
N TYR A 84 17.70 23.02 21.56
CA TYR A 84 16.81 21.91 21.27
C TYR A 84 16.99 21.36 19.85
N PHE A 85 17.39 22.20 18.90
CA PHE A 85 17.70 21.73 17.52
C PHE A 85 18.74 20.59 17.49
N PHE A 86 19.55 20.52 18.54
CA PHE A 86 20.70 19.69 18.58
C PHE A 86 20.50 18.47 19.50
N ALA A 87 19.31 18.32 20.02
CA ALA A 87 19.09 17.37 21.10
C ALA A 87 19.20 15.94 20.68
N ASP A 88 19.02 15.67 19.40
CA ASP A 88 19.05 14.29 18.94
C ASP A 88 20.40 13.83 18.47
N PHE A 89 21.42 14.67 18.62
CA PHE A 89 22.64 14.47 17.92
C PHE A 89 23.81 14.48 18.86
N TRP A 90 24.80 13.68 18.51
CA TRP A 90 26.09 13.67 19.16
C TRP A 90 26.87 14.75 18.46
N LEU A 91 27.62 15.51 19.22
CA LEU A 91 28.22 16.71 18.68
C LEU A 91 29.70 16.54 18.36
N GLY A 92 30.23 15.34 18.59
CA GLY A 92 31.58 15.03 18.21
C GLY A 92 32.58 15.15 19.30
N GLU A 93 33.76 14.60 19.04
CA GLU A 93 34.82 14.48 20.04
C GLU A 93 35.36 15.85 20.48
N THR A 94 35.48 16.80 19.56
CA THR A 94 36.02 18.12 19.86
C THR A 94 35.13 18.89 20.81
N ILE A 95 33.86 18.99 20.47
CA ILE A 95 32.90 19.68 21.31
C ILE A 95 32.81 18.97 22.65
N ALA A 96 32.82 17.64 22.63
CA ALA A 96 32.65 16.86 23.86
C ALA A 96 33.78 17.04 24.85
N ASN A 97 34.90 17.58 24.39
CA ASN A 97 36.07 17.86 25.27
C ASN A 97 36.42 19.32 25.42
N GLY A 98 35.70 20.18 24.70
CA GLY A 98 35.85 21.60 24.88
C GLY A 98 35.46 22.14 26.27
N PRO A 99 35.66 23.44 26.46
CA PRO A 99 35.38 24.09 27.76
C PRO A 99 33.99 23.71 28.32
N PHE A 100 32.96 23.86 27.50
CA PHE A 100 31.63 23.45 27.90
C PHE A 100 30.87 22.89 26.72
N VAL A 101 29.86 22.09 27.02
CA VAL A 101 29.10 21.46 25.97
C VAL A 101 27.74 22.11 25.74
N HIS A 102 26.99 22.32 26.82
CA HIS A 102 25.66 22.87 26.68
C HIS A 102 25.66 24.29 27.06
N TYR A 103 26.16 24.55 28.25
CA TYR A 103 26.24 25.88 28.82
C TYR A 103 27.47 25.97 29.72
N PRO A 104 28.11 27.13 29.76
CA PRO A 104 29.23 27.43 30.68
C PRO A 104 28.88 27.13 32.15
N ASN A 105 27.65 27.47 32.52
CA ASN A 105 26.94 27.06 33.72
C ASN A 105 26.99 25.65 34.20
N GLU A 106 27.06 24.71 33.26
CA GLU A 106 26.76 23.32 33.51
C GLU A 106 27.69 22.83 34.58
N LYS A 107 27.40 21.69 35.17
CA LYS A 107 28.30 21.12 36.14
C LYS A 107 28.45 19.63 35.77
N TRP A 108 29.69 19.15 35.71
CA TRP A 108 29.99 17.75 35.40
C TRP A 108 30.20 16.99 36.68
N PHE A 109 29.57 15.84 36.82
CA PHE A 109 29.72 15.07 38.00
C PHE A 109 30.32 13.78 37.54
N PRO A 110 31.59 13.52 37.92
CA PRO A 110 32.20 12.30 37.45
C PRO A 110 31.65 11.09 38.20
N LEU A 111 31.74 9.93 37.58
CA LEU A 111 31.11 8.73 38.11
C LEU A 111 31.80 8.21 39.37
N THR A 112 31.07 7.43 40.15
CA THR A 112 31.59 6.89 41.41
C THR A 112 31.88 5.40 41.26
N GLU A 113 32.57 4.84 42.25
CA GLU A 113 33.12 3.48 42.13
C GLU A 113 32.03 2.40 42.11
N ASN A 114 31.07 2.53 43.02
CA ASN A 114 29.86 1.68 43.05
C ASN A 114 28.80 2.15 42.02
N ASP A 115 29.18 3.10 41.16
CA ASP A 115 28.33 3.67 40.10
C ASP A 115 26.96 4.16 40.56
N ASP A 116 26.93 4.75 41.75
CA ASP A 116 25.77 5.50 42.22
C ASP A 116 25.66 6.80 41.48
N VAL A 117 24.48 7.40 41.57
CA VAL A 117 24.30 8.73 41.05
C VAL A 117 24.99 9.68 42.03
N PRO A 118 26.00 10.45 41.53
CA PRO A 118 26.78 11.36 42.36
C PRO A 118 25.95 12.25 43.26
N GLU A 119 26.59 12.71 44.33
CA GLU A 119 25.87 13.34 45.42
C GLU A 119 25.25 14.69 45.06
N GLY A 120 25.94 15.53 44.28
CA GLY A 120 25.41 16.90 44.08
C GLY A 120 24.32 17.14 43.03
N LEU A 121 23.76 16.06 42.48
CA LEU A 121 22.76 16.15 41.41
C LEU A 121 21.35 15.95 41.96
N LEU A 122 20.38 16.64 41.37
CA LEU A 122 18.99 16.48 41.74
C LEU A 122 18.68 17.00 43.14
N ASP A 123 17.65 16.42 43.76
CA ASP A 123 17.34 16.64 45.15
C ASP A 123 16.52 15.45 45.61
N ASP A 124 16.19 15.41 46.87
CA ASP A 124 15.61 14.18 47.46
C ASP A 124 14.31 13.81 46.79
N ARG A 125 13.46 14.80 46.61
CA ARG A 125 12.22 14.59 45.89
C ARG A 125 12.37 14.07 44.45
N LEU A 126 13.37 14.55 43.71
CA LEU A 126 13.60 14.10 42.33
C LEU A 126 14.20 12.72 42.25
N ARG A 127 15.25 12.46 43.05
CA ARG A 127 15.80 11.10 43.15
C ARG A 127 14.68 10.10 43.37
N ALA A 128 13.83 10.38 44.35
CA ALA A 128 12.74 9.49 44.67
C ALA A 128 11.72 9.34 43.50
N PHE A 129 11.44 10.43 42.79
CA PHE A 129 10.52 10.39 41.70
C PHE A 129 11.10 9.55 40.56
N TYR A 130 12.27 9.90 40.07
CA TYR A 130 12.89 9.20 38.94
C TYR A 130 13.41 7.83 39.29
N ASP A 131 13.69 7.57 40.57
CA ASP A 131 14.37 6.35 40.99
C ASP A 131 13.77 5.82 42.31
N PRO A 132 12.47 5.48 42.30
CA PRO A 132 11.78 5.00 43.49
C PRO A 132 12.38 3.72 44.11
N GLU A 133 12.84 2.81 43.27
CA GLU A 133 13.43 1.56 43.74
C GLU A 133 14.88 1.74 44.23
N ASN A 134 15.49 2.88 43.94
CA ASN A 134 16.91 3.07 44.16
C ASN A 134 17.78 2.07 43.36
N GLU A 135 17.48 1.93 42.06
CA GLU A 135 18.01 0.91 41.17
C GLU A 135 18.74 1.65 40.00
N LEU A 136 19.13 2.91 40.20
CA LEU A 136 19.60 3.76 39.08
C LEU A 136 21.10 3.99 39.19
N THR A 137 21.82 3.96 38.06
CA THR A 137 23.28 4.15 38.06
C THR A 137 23.71 5.38 37.29
N GLY A 138 24.85 5.97 37.68
CA GLY A 138 25.36 7.17 37.03
C GLY A 138 25.71 6.99 35.57
N SER A 139 26.12 5.79 35.17
CA SER A 139 26.55 5.56 33.78
C SER A 139 25.40 5.56 32.80
N MET A 140 24.19 5.38 33.32
CA MET A 140 22.98 5.57 32.54
C MET A 140 22.71 7.00 32.14
N LEU A 141 23.39 7.96 32.78
CA LEU A 141 22.97 9.34 32.67
C LEU A 141 23.89 10.21 31.87
N ILE A 142 24.59 9.59 30.93
CA ILE A 142 25.54 10.35 30.15
C ILE A 142 24.79 11.02 29.00
N ASP A 143 24.95 12.31 28.86
CA ASP A 143 24.26 13.02 27.86
C ASP A 143 24.65 12.55 26.47
N LEU A 144 23.69 12.59 25.55
CA LEU A 144 23.91 12.17 24.17
C LEU A 144 24.84 13.09 23.42
N GLN A 145 24.77 14.38 23.70
CA GLN A 145 25.54 15.34 22.91
C GLN A 145 27.05 15.17 23.04
N SER A 146 27.50 14.85 24.25
CA SER A 146 28.90 14.61 24.51
C SER A 146 29.26 13.14 24.41
N GLY A 147 28.41 12.27 24.92
CA GLY A 147 28.79 10.88 25.15
C GLY A 147 30.07 10.68 25.99
N ASN A 148 30.49 11.70 26.72
CA ASN A 148 31.77 11.67 27.39
C ASN A 148 31.73 11.08 28.78
N GLU A 149 31.76 9.76 28.85
CA GLU A 149 31.64 9.06 30.12
C GLU A 149 32.73 9.48 31.13
N ASP A 150 33.93 9.81 30.63
CA ASP A 150 35.05 10.06 31.52
C ASP A 150 34.82 11.38 32.20
N ARG A 151 34.45 12.37 31.38
CA ARG A 151 34.17 13.70 31.91
C ARG A 151 33.02 13.70 32.94
N GLY A 152 32.09 12.74 32.78
CA GLY A 152 30.99 12.46 33.74
C GLY A 152 29.58 12.87 33.28
N ILE A 153 28.69 12.98 34.26
CA ILE A 153 27.30 13.40 34.05
C ILE A 153 27.19 14.90 34.02
N CYS A 154 26.85 15.43 32.85
CA CYS A 154 26.57 16.83 32.71
C CYS A 154 25.20 17.16 33.26
N GLY A 155 25.16 18.05 34.24
CA GLY A 155 23.94 18.52 34.91
C GLY A 155 23.68 19.99 34.60
N LEU A 156 22.43 20.33 34.39
CA LEU A 156 22.04 21.70 34.06
C LEU A 156 21.43 22.32 35.29
N PRO A 157 21.73 23.61 35.56
CA PRO A 157 21.16 24.26 36.72
C PRO A 157 19.74 24.76 36.47
N PHE A 158 18.84 24.37 37.38
CA PHE A 158 17.47 24.82 37.38
C PHE A 158 17.23 25.47 38.72
N THR A 159 16.27 26.39 38.77
CA THR A 159 15.88 26.97 40.04
C THR A 159 14.58 26.37 40.58
N ARG A 160 14.70 25.73 41.72
CA ARG A 160 13.57 25.24 42.47
C ARG A 160 12.82 26.44 43.02
N GLN A 161 11.56 26.59 42.65
CA GLN A 161 10.82 27.82 42.98
C GLN A 161 10.37 27.87 44.42
N SER A 162 10.17 26.75 45.08
CA SER A 162 9.64 26.82 46.43
C SER A 162 10.58 27.64 47.31
N ASP A 163 11.88 27.34 47.27
CA ASP A 163 12.88 28.09 48.06
C ASP A 163 14.02 28.70 47.25
N ASN A 164 13.94 28.68 45.93
CA ASN A 164 14.90 29.40 45.14
C ASN A 164 16.31 28.79 45.05
N GLN A 165 16.44 27.51 45.36
CA GLN A 165 17.71 26.83 45.37
C GLN A 165 18.00 26.32 43.99
N THR A 166 19.28 26.42 43.60
CA THR A 166 19.74 25.87 42.33
C THR A 166 19.85 24.36 42.44
N VAL A 167 19.26 23.66 41.49
CA VAL A 167 19.30 22.21 41.46
C VAL A 167 19.80 21.79 40.09
N TYR A 168 20.67 20.80 40.08
CA TYR A 168 21.35 20.36 38.88
C TYR A 168 20.65 19.13 38.40
N ILE A 169 20.20 19.19 37.15
CA ILE A 169 19.51 18.07 36.56
C ILE A 169 20.27 17.51 35.35
N PRO A 170 20.64 16.22 35.40
CA PRO A 170 21.23 15.57 34.22
C PRO A 170 20.54 15.90 32.89
N MET A 171 21.32 16.38 31.94
CA MET A 171 20.84 16.62 30.61
C MET A 171 20.22 15.35 30.03
N ASN A 172 20.75 14.21 30.43
CA ASN A 172 20.23 12.92 29.96
C ASN A 172 18.78 12.70 30.35
N ILE A 173 18.44 13.16 31.57
CA ILE A 173 17.11 12.97 32.11
C ILE A 173 16.17 13.94 31.47
N ILE A 174 16.63 15.17 31.29
CA ILE A 174 15.86 16.20 30.58
C ILE A 174 15.55 15.81 29.18
N GLY A 175 16.56 15.37 28.44
CA GLY A 175 16.40 15.07 27.04
C GLY A 175 15.49 13.86 26.82
N ASN A 176 15.55 12.87 27.71
CA ASN A 176 14.76 11.65 27.57
C ASN A 176 13.32 11.74 28.05
N LEU A 177 13.07 12.52 29.11
CA LEU A 177 11.74 12.56 29.72
C LEU A 177 10.89 13.79 29.42
N TYR A 178 11.52 14.93 29.21
CA TYR A 178 10.79 16.18 29.01
C TYR A 178 10.86 16.71 27.59
N VAL A 179 11.81 16.25 26.80
CA VAL A 179 11.92 16.72 25.42
C VAL A 179 11.63 18.23 25.32
N SER A 180 10.79 18.67 24.38
CA SER A 180 10.56 20.09 24.14
C SER A 180 9.45 20.71 24.98
N ASN A 181 8.98 20.00 26.01
CA ASN A 181 7.83 20.44 26.81
C ASN A 181 8.21 21.32 28.00
N GLY A 182 7.51 22.43 28.10
CA GLY A 182 7.76 23.43 29.12
C GLY A 182 8.79 24.47 28.73
N MET A 183 8.94 24.71 27.43
CA MET A 183 9.93 25.66 26.93
C MET A 183 9.17 26.79 26.31
N SER A 184 9.62 28.01 26.57
CA SER A 184 9.11 29.16 25.83
C SER A 184 10.09 30.34 25.85
N ALA A 185 9.86 31.24 24.89
CA ALA A 185 10.52 32.52 24.83
C ALA A 185 9.47 33.60 24.82
N GLY A 186 9.89 34.79 25.21
CA GLY A 186 8.98 35.91 25.14
C GLY A 186 9.74 37.19 25.24
N ASN A 187 8.98 38.25 25.48
CA ASN A 187 9.53 39.58 25.55
C ASN A 187 9.99 39.94 26.94
N THR A 188 9.37 39.35 27.93
CA THR A 188 9.82 39.57 29.27
C THR A 188 10.04 38.22 29.85
N ARG A 189 10.75 38.21 30.95
CA ARG A 189 11.04 36.97 31.65
C ARG A 189 9.77 36.25 32.00
N ASN A 190 8.86 36.98 32.66
CA ASN A 190 7.61 36.40 33.11
C ASN A 190 6.68 36.05 32.00
N GLU A 191 6.74 36.76 30.88
CA GLU A 191 5.91 36.43 29.77
C GLU A 191 6.27 35.04 29.26
N ALA A 192 7.56 34.77 29.15
CA ALA A 192 8.02 33.45 28.76
C ALA A 192 7.59 32.42 29.78
N ARG A 193 7.80 32.70 31.05
CA ARG A 193 7.43 31.76 32.11
C ARG A 193 5.93 31.41 32.10
N VAL A 194 5.09 32.38 31.78
CA VAL A 194 3.66 32.15 31.77
C VAL A 194 3.27 31.21 30.64
N GLN A 195 3.91 31.37 29.51
CA GLN A 195 3.67 30.48 28.37
C GLN A 195 4.22 29.07 28.64
N GLY A 196 5.36 28.99 29.31
CA GLY A 196 5.94 27.73 29.72
C GLY A 196 5.02 26.97 30.63
N LEU A 197 4.57 27.64 31.68
CA LEU A 197 3.70 27.03 32.66
C LEU A 197 2.36 26.68 32.05
N SER A 198 1.89 27.53 31.14
CA SER A 198 0.63 27.27 30.49
C SER A 198 0.76 25.96 29.72
N GLU A 199 1.89 25.84 29.02
CA GLU A 199 2.16 24.69 28.19
C GLU A 199 2.21 23.45 29.07
N VAL A 200 2.77 23.53 30.26
CA VAL A 200 2.80 22.36 31.10
C VAL A 200 1.38 21.91 31.37
N PHE A 201 0.51 22.86 31.67
CA PHE A 201 -0.89 22.52 31.88
C PHE A 201 -1.55 21.98 30.61
N GLU A 202 -1.31 22.64 29.48
CA GLU A 202 -1.83 22.14 28.21
C GLU A 202 -1.59 20.64 28.05
N ARG A 203 -0.34 20.22 28.19
CA ARG A 203 0.02 18.84 27.89
C ARG A 203 -0.42 17.91 29.00
N TYR A 204 -0.37 18.36 30.24
CA TYR A 204 -0.78 17.50 31.32
C TYR A 204 -2.29 17.25 31.22
N VAL A 205 -3.06 18.31 31.02
CA VAL A 205 -4.51 18.15 30.97
C VAL A 205 -4.94 17.37 29.72
N LYS A 206 -4.24 17.65 28.63
CA LYS A 206 -4.45 16.91 27.41
C LYS A 206 -4.37 15.42 27.71
N ASN A 207 -3.32 15.01 28.35
CA ASN A 207 -3.15 13.60 28.60
C ASN A 207 -4.23 13.04 29.48
N ARG A 208 -4.72 13.80 30.46
CA ARG A 208 -5.80 13.31 31.27
C ARG A 208 -7.09 13.15 30.47
N ILE A 209 -7.44 14.16 29.69
CA ILE A 209 -8.65 14.09 28.93
C ILE A 209 -8.63 12.83 28.06
N ILE A 210 -7.55 12.67 27.31
CA ILE A 210 -7.43 11.57 26.38
C ILE A 210 -7.39 10.25 27.10
N ALA A 211 -6.47 10.10 28.03
CA ALA A 211 -6.21 8.79 28.64
C ALA A 211 -7.36 8.29 29.50
N GLU A 212 -8.12 9.21 30.09
CA GLU A 212 -9.26 8.85 30.92
C GLU A 212 -10.55 8.91 30.12
N SER A 213 -10.49 9.09 28.81
CA SER A 213 -11.72 9.09 28.01
C SER A 213 -12.77 10.05 28.57
N ILE A 214 -12.37 11.24 28.91
CA ILE A 214 -13.29 12.18 29.54
C ILE A 214 -14.21 12.79 28.51
N SER A 215 -15.50 12.88 28.84
CA SER A 215 -16.46 13.63 28.07
C SER A 215 -16.44 15.08 28.53
N LEU A 216 -16.15 16.00 27.64
CA LEU A 216 -16.05 17.38 28.03
C LEU A 216 -17.30 18.18 27.68
N PRO A 217 -17.50 19.28 28.42
CA PRO A 217 -18.61 20.19 28.22
C PRO A 217 -18.34 21.17 27.11
N GLU A 218 -19.31 21.33 26.24
CA GLU A 218 -19.17 22.28 25.13
C GLU A 218 -19.16 23.71 25.64
N ILE A 219 -18.46 24.57 24.92
CA ILE A 219 -18.49 25.98 25.17
C ILE A 219 -19.78 26.51 24.58
N PRO A 220 -20.57 27.20 25.40
CA PRO A 220 -21.85 27.68 24.93
C PRO A 220 -21.64 28.78 23.94
N ALA A 221 -22.57 28.90 23.00
CA ALA A 221 -22.44 29.82 21.86
C ALA A 221 -22.33 31.29 22.27
N ASP A 222 -23.01 31.64 23.35
CA ASP A 222 -22.95 32.99 23.89
C ASP A 222 -21.54 33.32 24.42
N VAL A 223 -20.77 32.32 24.82
CA VAL A 223 -19.39 32.54 25.24
C VAL A 223 -18.52 32.63 23.99
N LEU A 224 -18.70 31.72 23.08
CA LEU A 224 -17.96 31.82 21.84
C LEU A 224 -18.11 33.20 21.18
N ALA A 225 -19.31 33.75 21.25
CA ALA A 225 -19.60 34.99 20.55
C ALA A 225 -18.82 36.17 21.14
N ARG A 226 -18.27 36.08 22.34
CA ARG A 226 -17.31 37.11 22.78
C ARG A 226 -16.06 37.22 21.93
N TYR A 227 -15.87 36.27 21.00
CA TYR A 227 -14.65 36.07 20.21
C TYR A 227 -15.01 35.83 18.75
N PRO A 228 -15.50 36.88 18.06
CA PRO A 228 -16.06 36.72 16.70
C PRO A 228 -15.04 36.26 15.68
N ALA A 229 -13.78 36.56 15.94
CA ALA A 229 -12.71 36.13 15.03
C ALA A 229 -12.60 34.59 14.98
N VAL A 230 -12.56 33.95 16.15
CA VAL A 230 -12.57 32.49 16.28
C VAL A 230 -13.88 31.92 15.70
N VAL A 231 -15.01 32.49 16.09
CA VAL A 231 -16.30 32.03 15.57
C VAL A 231 -16.33 31.99 14.04
N GLU A 232 -15.78 33.03 13.43
CA GLU A 232 -15.75 33.10 12.00
C GLU A 232 -14.84 32.00 11.44
N ALA A 233 -13.69 31.80 12.10
CA ALA A 233 -12.80 30.69 11.73
C ALA A 233 -13.54 29.35 11.81
N ILE A 234 -14.23 29.12 12.92
CA ILE A 234 -14.95 27.90 13.13
C ILE A 234 -16.03 27.71 12.10
N GLU A 235 -16.83 28.72 11.88
CA GLU A 235 -17.93 28.60 10.93
C GLU A 235 -17.50 28.37 9.50
N THR A 236 -16.35 28.92 9.14
CA THR A 236 -15.79 28.64 7.84
C THR A 236 -15.40 27.18 7.77
N LEU A 237 -14.74 26.65 8.80
CA LEU A 237 -14.36 25.24 8.78
C LEU A 237 -15.59 24.34 8.58
N GLU A 238 -16.68 24.66 9.26
CA GLU A 238 -17.91 23.88 9.19
C GLU A 238 -18.39 23.96 7.76
N ALA A 239 -18.46 25.19 7.27
CA ALA A 239 -18.90 25.46 5.90
C ALA A 239 -18.06 24.71 4.86
N GLU A 240 -16.78 24.48 5.17
CA GLU A 240 -15.92 23.71 4.27
C GLU A 240 -16.02 22.22 4.46
N GLY A 241 -17.00 21.74 5.23
CA GLY A 241 -17.22 20.30 5.43
C GLY A 241 -16.60 19.68 6.68
N PHE A 242 -16.22 20.50 7.68
CA PHE A 242 -15.46 20.03 8.86
C PHE A 242 -16.10 20.40 10.16
N PRO A 243 -16.95 19.52 10.69
CA PRO A 243 -17.59 19.81 11.96
C PRO A 243 -16.58 20.09 13.04
N ILE A 244 -16.84 21.08 13.87
CA ILE A 244 -15.98 21.43 14.97
C ILE A 244 -16.72 21.30 16.31
N PHE A 245 -16.05 20.70 17.29
CA PHE A 245 -16.48 20.76 18.66
C PHE A 245 -15.51 21.63 19.44
N ALA A 246 -16.07 22.61 20.15
CA ALA A 246 -15.28 23.49 20.99
C ALA A 246 -15.57 23.22 22.46
N TYR A 247 -14.57 22.74 23.20
CA TYR A 247 -14.79 22.25 24.57
C TYR A 247 -13.99 23.04 25.58
N ASP A 248 -14.55 23.19 26.75
CA ASP A 248 -13.83 23.65 27.89
C ASP A 248 -13.09 22.46 28.47
N GLY A 249 -11.77 22.58 28.54
CA GLY A 249 -10.92 21.54 29.13
C GLY A 249 -10.41 21.81 30.55
N SER A 250 -11.06 22.71 31.29
CA SER A 250 -10.60 23.13 32.61
C SER A 250 -10.79 22.08 33.67
N LEU A 251 -11.62 21.10 33.36
CA LEU A 251 -12.01 20.07 34.32
C LEU A 251 -12.69 20.72 35.52
N GLY A 252 -13.70 21.50 35.22
CA GLY A 252 -14.50 22.16 36.24
C GLY A 252 -13.77 23.35 36.79
N GLY A 253 -13.15 24.12 35.91
CA GLY A 253 -12.45 25.33 36.34
C GLY A 253 -11.10 25.19 37.04
N GLN A 254 -10.50 24.01 37.08
CA GLN A 254 -9.17 23.84 37.64
C GLN A 254 -8.01 24.42 36.82
N TYR A 255 -8.04 24.20 35.51
CA TYR A 255 -6.87 24.43 34.65
C TYR A 255 -7.23 25.29 33.46
N PRO A 256 -6.31 26.12 33.02
CA PRO A 256 -6.67 27.03 31.98
C PRO A 256 -6.53 26.42 30.63
N VAL A 257 -7.37 25.46 30.31
CA VAL A 257 -7.20 24.68 29.08
C VAL A 257 -8.48 24.59 28.24
N ILE A 258 -8.31 24.79 26.93
CA ILE A 258 -9.35 24.60 25.90
C ILE A 258 -9.06 23.37 24.99
N CYS A 259 -10.11 22.70 24.52
CA CYS A 259 -10.00 21.61 23.57
C CYS A 259 -10.88 21.82 22.38
N VAL A 260 -10.30 21.76 21.21
CA VAL A 260 -11.06 21.88 19.99
C VAL A 260 -10.83 20.66 19.09
N VAL A 261 -11.93 20.06 18.65
CA VAL A 261 -11.84 18.87 17.86
C VAL A 261 -12.54 19.04 16.53
N LEU A 262 -11.88 18.51 15.51
CA LEU A 262 -12.33 18.61 14.17
C LEU A 262 -12.61 17.21 13.68
N PHE A 263 -13.73 17.08 12.98
CA PHE A 263 -14.10 15.86 12.28
C PHE A 263 -13.85 16.06 10.81
N ASN A 264 -13.41 15.00 10.16
CA ASN A 264 -13.34 14.95 8.72
C ASN A 264 -14.23 13.82 8.27
N PRO A 265 -15.47 14.14 7.95
CA PRO A 265 -16.45 13.15 7.54
C PRO A 265 -16.07 12.35 6.30
N ALA A 266 -15.25 12.92 5.43
CA ALA A 266 -14.81 12.18 4.23
C ALA A 266 -14.15 10.84 4.54
N ASN A 267 -13.51 10.81 5.68
CA ASN A 267 -12.50 9.90 6.12
C ASN A 267 -13.01 9.12 7.35
N GLY A 268 -13.90 9.74 8.14
CA GLY A 268 -14.40 9.21 9.40
C GLY A 268 -13.45 9.42 10.55
N THR A 269 -12.69 10.50 10.51
CA THR A 269 -11.57 10.69 11.41
C THR A 269 -11.82 11.90 12.24
N CYS A 270 -11.03 12.06 13.30
CA CYS A 270 -11.07 13.22 14.17
C CYS A 270 -9.68 13.69 14.48
N PHE A 271 -9.55 14.95 14.86
CA PHE A 271 -8.24 15.56 15.17
C PHE A 271 -8.41 16.55 16.33
N ALA A 272 -7.76 16.28 17.45
CA ALA A 272 -7.99 17.03 18.68
C ALA A 272 -6.84 17.98 18.98
N SER A 273 -7.19 19.24 19.24
CA SER A 273 -6.20 20.25 19.52
C SER A 273 -6.46 20.77 20.92
N PHE A 274 -5.39 20.99 21.66
CA PHE A 274 -5.46 21.46 23.02
C PHE A 274 -4.60 22.72 23.17
N GLY A 275 -5.15 23.77 23.77
CA GLY A 275 -4.40 24.99 24.01
C GLY A 275 -4.59 25.44 25.43
N ALA A 276 -3.61 26.17 25.97
CA ALA A 276 -3.70 26.73 27.32
C ALA A 276 -3.10 28.13 27.46
N HIS A 277 -3.81 28.97 28.20
CA HIS A 277 -3.40 30.37 28.53
C HIS A 277 -4.32 30.91 29.62
N PRO A 278 -3.83 31.80 30.50
CA PRO A 278 -4.70 32.31 31.58
C PRO A 278 -5.94 33.01 31.12
N ASP A 279 -5.86 33.62 29.96
CA ASP A 279 -7.00 34.24 29.33
C ASP A 279 -7.78 33.25 28.45
N PHE A 280 -9.01 32.99 28.85
CA PHE A 280 -9.90 32.05 28.14
C PHE A 280 -9.90 32.35 26.64
N GLY A 281 -10.02 33.60 26.27
CA GLY A 281 -10.11 33.98 24.86
C GLY A 281 -8.83 33.65 24.13
N VAL A 282 -7.70 33.86 24.79
CA VAL A 282 -6.40 33.60 24.18
C VAL A 282 -6.16 32.10 24.10
N ALA A 283 -6.41 31.36 25.17
CA ALA A 283 -6.40 29.89 25.11
C ALA A 283 -7.27 29.35 23.95
N LEU A 284 -8.49 29.85 23.83
CA LEU A 284 -9.33 29.42 22.74
C LEU A 284 -8.74 29.73 21.37
N GLU A 285 -8.17 30.90 21.19
CA GLU A 285 -7.61 31.24 19.87
C GLU A 285 -6.41 30.35 19.54
N ARG A 286 -5.54 30.21 20.52
CA ARG A 286 -4.36 29.37 20.39
C ARG A 286 -4.70 27.93 20.07
N THR A 287 -5.79 27.42 20.62
CA THR A 287 -6.18 26.06 20.31
C THR A 287 -6.60 25.93 18.87
N VAL A 288 -7.45 26.86 18.41
CA VAL A 288 -7.94 26.82 17.02
C VAL A 288 -6.84 27.09 16.01
N THR A 289 -5.89 27.89 16.41
CA THR A 289 -4.83 28.27 15.53
C THR A 289 -3.76 27.18 15.36
N GLU A 290 -3.50 26.45 16.44
CA GLU A 290 -2.67 25.24 16.39
C GLU A 290 -3.35 24.14 15.56
N LEU A 291 -4.67 24.00 15.66
CA LEU A 291 -5.34 22.96 14.91
C LEU A 291 -4.94 22.98 13.46
N LEU A 292 -4.87 24.17 12.87
CA LEU A 292 -4.56 24.30 11.46
C LEU A 292 -3.11 24.71 11.15
N GLN A 293 -2.28 24.71 12.17
CA GLN A 293 -0.91 25.07 11.95
C GLN A 293 -0.13 24.07 11.10
N GLY A 294 0.56 24.61 10.11
CA GLY A 294 1.17 23.82 9.09
C GLY A 294 0.20 23.16 8.09
N ARG A 295 -1.11 23.42 8.17
CA ARG A 295 -2.08 22.64 7.35
C ARG A 295 -3.12 23.46 6.65
N GLY A 296 -3.26 23.25 5.36
CA GLY A 296 -4.39 23.80 4.63
C GLY A 296 -5.53 22.80 4.72
N LEU A 297 -6.64 23.14 4.10
CA LEU A 297 -7.81 22.31 4.16
C LEU A 297 -7.72 21.01 3.39
N LYS A 298 -6.69 20.85 2.60
CA LYS A 298 -6.48 19.58 1.94
C LYS A 298 -5.58 18.68 2.79
N ASP A 299 -5.04 19.19 3.88
CA ASP A 299 -4.07 18.40 4.67
C ASP A 299 -4.65 17.75 5.92
N LEU A 300 -5.98 17.66 5.97
CA LEU A 300 -6.71 17.22 7.13
C LEU A 300 -7.21 15.80 6.99
N ASP A 301 -6.46 15.00 6.26
CA ASP A 301 -6.87 13.65 5.90
C ASP A 301 -5.94 12.59 6.47
N VAL A 302 -5.11 12.92 7.45
CA VAL A 302 -4.08 12.01 7.92
C VAL A 302 -4.31 11.54 9.33
N PHE A 303 -5.53 11.74 9.84
CA PHE A 303 -5.87 11.52 11.25
C PHE A 303 -6.62 10.25 11.42
N THR A 304 -7.11 9.99 12.62
CA THR A 304 -7.58 8.67 12.98
C THR A 304 -9.03 8.74 13.40
N PRO A 305 -9.79 7.67 13.13
CA PRO A 305 -11.12 7.61 13.65
C PRO A 305 -11.09 7.41 15.14
N PRO A 306 -12.15 7.88 15.83
CA PRO A 306 -12.28 7.57 17.23
C PRO A 306 -12.46 6.12 17.42
N THR A 307 -12.45 5.71 18.67
CA THR A 307 -12.51 4.32 19.05
C THR A 307 -13.22 4.12 20.37
N PHE A 308 -13.74 2.90 20.57
CA PHE A 308 -14.26 2.45 21.85
C PHE A 308 -13.23 1.68 22.67
N ASP A 309 -12.04 1.44 22.15
CA ASP A 309 -11.09 0.64 22.92
C ASP A 309 -10.29 1.56 23.82
N ASP A 310 -10.81 1.75 25.01
CA ASP A 310 -10.27 2.75 25.93
C ASP A 310 -8.91 2.37 26.47
N GLU A 311 -8.69 1.07 26.62
CA GLU A 311 -7.42 0.52 27.03
C GLU A 311 -6.34 0.99 26.04
N GLU A 312 -6.62 0.94 24.74
CA GLU A 312 -5.68 1.44 23.78
C GLU A 312 -5.46 2.94 23.84
N VAL A 313 -6.52 3.68 24.05
CA VAL A 313 -6.42 5.12 24.16
C VAL A 313 -5.51 5.50 25.34
N ALA A 314 -5.56 4.72 26.40
CA ALA A 314 -4.88 5.05 27.66
C ALA A 314 -3.42 4.69 27.67
N GLU A 315 -3.01 3.83 26.75
CA GLU A 315 -1.63 3.42 26.67
C GLU A 315 -0.72 4.59 26.52
N HIS A 316 0.36 4.59 27.30
CA HIS A 316 1.28 5.71 27.26
C HIS A 316 1.80 5.96 25.84
N THR A 317 2.04 4.93 25.07
CA THR A 317 2.50 5.19 23.71
C THR A 317 1.49 5.95 22.84
N ASN A 318 0.21 5.78 23.14
CA ASN A 318 -0.79 6.53 22.40
C ASN A 318 -0.65 8.00 22.77
N LEU A 319 -0.38 8.27 24.04
CA LEU A 319 -0.15 9.64 24.48
C LEU A 319 1.14 10.23 23.87
N GLU A 320 2.19 9.44 23.83
CA GLU A 320 3.42 9.85 23.20
C GLU A 320 3.20 10.19 21.72
N THR A 321 2.47 9.34 21.00
CA THR A 321 2.09 9.67 19.63
C THR A 321 1.34 10.97 19.52
N HIS A 322 0.39 11.16 20.42
CA HIS A 322 -0.33 12.41 20.45
C HIS A 322 0.57 13.62 20.62
N PHE A 323 1.60 13.50 21.46
CA PHE A 323 2.55 14.56 21.65
C PHE A 323 3.37 14.75 20.38
N ILE A 324 3.76 13.65 19.73
CA ILE A 324 4.58 13.75 18.53
C ILE A 324 3.85 14.31 17.33
N ASP A 325 2.65 13.83 16.99
CA ASP A 325 1.98 14.33 15.76
C ASP A 325 0.46 14.45 15.85
N SER A 326 -0.08 14.42 17.06
CA SER A 326 -1.55 14.51 17.28
C SER A 326 -2.42 13.52 16.45
N SER A 327 -1.82 12.42 16.02
CA SER A 327 -2.49 11.40 15.20
C SER A 327 -2.83 10.14 16.04
N GLY A 328 -2.91 10.31 17.37
CA GLY A 328 -3.25 9.22 18.26
C GLY A 328 -4.75 8.90 18.26
N LEU A 329 -5.09 7.86 19.02
CA LEU A 329 -6.46 7.50 19.20
C LEU A 329 -7.14 8.42 20.21
N ILE A 330 -8.38 8.74 19.92
CA ILE A 330 -9.27 9.46 20.81
C ILE A 330 -10.49 8.56 21.11
N SER A 331 -10.96 8.55 22.36
CA SER A 331 -12.18 7.80 22.66
C SER A 331 -13.45 8.44 22.05
N TRP A 332 -14.40 7.62 21.61
CA TRP A 332 -15.73 8.20 21.24
C TRP A 332 -16.37 8.98 22.39
N ASP A 333 -15.96 8.69 23.62
CA ASP A 333 -16.55 9.27 24.80
C ASP A 333 -16.35 10.71 24.89
N LEU A 334 -15.32 11.21 24.25
CA LEU A 334 -15.07 12.63 24.30
C LEU A 334 -16.27 13.39 23.76
N PHE A 335 -17.04 12.73 22.90
CA PHE A 335 -18.13 13.36 22.22
C PHE A 335 -19.48 12.94 22.77
N LYS A 336 -19.50 12.41 23.99
CA LYS A 336 -20.78 12.08 24.57
C LYS A 336 -21.66 13.29 24.78
N GLN A 337 -22.95 13.08 24.66
CA GLN A 337 -23.90 14.09 24.98
C GLN A 337 -23.67 14.71 26.38
N ASP A 338 -23.59 13.88 27.41
CA ASP A 338 -23.43 14.34 28.77
C ASP A 338 -21.98 14.49 29.05
N ALA A 339 -21.61 15.59 29.70
CA ALA A 339 -20.20 15.80 30.04
C ALA A 339 -19.92 15.37 31.44
N ASP A 340 -18.67 15.02 31.70
CA ASP A 340 -18.22 14.62 33.04
C ASP A 340 -17.86 15.83 33.94
N TYR A 341 -17.99 17.03 33.39
CA TYR A 341 -17.70 18.26 34.12
C TYR A 341 -18.62 19.35 33.61
N PRO A 342 -19.15 20.17 34.48
CA PRO A 342 -19.86 21.34 33.96
C PRO A 342 -18.94 22.32 33.29
N PHE A 343 -19.46 23.01 32.29
CA PHE A 343 -18.70 24.08 31.70
C PHE A 343 -18.44 25.10 32.75
N VAL A 344 -17.26 25.68 32.73
CA VAL A 344 -16.99 26.82 33.60
C VAL A 344 -16.49 27.95 32.75
N ASP A 345 -17.08 29.15 32.88
CA ASP A 345 -16.54 30.29 32.19
C ASP A 345 -15.35 30.84 32.97
N TRP A 346 -14.26 30.10 32.98
CA TRP A 346 -13.09 30.41 33.79
C TRP A 346 -12.28 31.58 33.24
N ASN A 347 -11.40 32.09 34.08
CA ASN A 347 -10.49 33.18 33.68
C ASN A 347 -9.43 33.42 34.70
N PHE A 348 -8.16 33.36 34.31
CA PHE A 348 -7.07 33.48 35.26
C PHE A 348 -6.17 34.64 34.86
N SER A 349 -6.66 35.48 33.94
CA SER A 349 -5.84 36.55 33.37
C SER A 349 -5.56 37.72 34.31
N GLY A 350 -4.63 38.57 33.89
CA GLY A 350 -4.17 39.73 34.64
C GLY A 350 -2.88 40.25 34.01
N THR A 351 -2.06 40.94 34.77
CA THR A 351 -0.75 41.28 34.27
C THR A 351 0.05 40.00 34.23
N THR A 352 1.03 39.97 33.36
CA THR A 352 1.96 38.91 33.33
C THR A 352 2.39 38.48 34.73
N GLU A 353 2.66 39.44 35.59
CA GLU A 353 3.16 39.12 36.92
C GLU A 353 2.08 38.40 37.72
N GLU A 354 0.83 38.86 37.53
CA GLU A 354 -0.33 38.22 38.16
C GLU A 354 -0.60 36.81 37.62
N GLU A 355 -0.55 36.71 36.31
CA GLU A 355 -0.72 35.43 35.64
C GLU A 355 0.30 34.40 36.16
N PHE A 356 1.57 34.80 36.24
CA PHE A 356 2.61 33.89 36.75
C PHE A 356 2.33 33.38 38.15
N ALA A 357 1.90 34.26 39.00
CA ALA A 357 1.59 33.89 40.38
C ALA A 357 0.35 32.95 40.48
N THR A 358 -0.63 33.18 39.62
CA THR A 358 -1.86 32.44 39.64
C THR A 358 -1.55 31.00 39.25
N LEU A 359 -0.74 30.87 38.18
CA LEU A 359 -0.36 29.55 37.70
C LEU A 359 0.50 28.84 38.73
N MET A 360 1.44 29.56 39.32
CA MET A 360 2.27 28.94 40.36
C MET A 360 1.46 28.43 41.51
N ALA A 361 0.39 29.15 41.84
CA ALA A 361 -0.46 28.75 42.95
C ALA A 361 -1.19 27.46 42.65
N ILE A 362 -1.54 27.26 41.40
CA ILE A 362 -2.14 26.00 41.05
C ILE A 362 -1.19 24.85 41.31
N PHE A 363 0.04 24.98 40.83
CA PHE A 363 1.04 23.97 41.12
C PHE A 363 1.25 23.81 42.63
N ASN A 364 1.17 24.88 43.40
CA ASN A 364 1.35 24.73 44.84
C ASN A 364 0.21 23.94 45.46
N LYS A 365 -1.03 24.16 44.98
CA LYS A 365 -2.16 23.47 45.59
C LYS A 365 -2.11 22.02 45.20
N GLU A 366 -1.49 21.72 44.06
CA GLU A 366 -1.30 20.33 43.65
C GLU A 366 -0.10 19.65 44.35
N ASP A 367 0.59 20.35 45.24
CA ASP A 367 1.77 19.81 45.90
C ASP A 367 2.81 19.36 44.85
N LYS A 368 3.05 20.20 43.85
CA LYS A 368 4.05 19.93 42.86
C LYS A 368 5.16 20.98 42.96
N GLU A 369 6.42 20.53 42.93
CA GLU A 369 7.50 21.45 42.86
C GLU A 369 7.69 21.87 41.43
N VAL A 370 8.11 23.11 41.22
CA VAL A 370 8.42 23.64 39.90
C VAL A 370 9.90 23.99 39.83
N TYR A 371 10.57 23.56 38.76
CA TYR A 371 11.95 23.90 38.47
C TYR A 371 12.05 24.65 37.15
N ILE A 372 12.72 25.79 37.20
CA ILE A 372 12.80 26.69 36.07
C ILE A 372 14.23 27.09 35.81
N ALA A 373 14.65 26.91 34.57
CA ALA A 373 15.90 27.48 34.05
C ALA A 373 15.55 28.62 33.12
N ASP A 374 16.23 29.75 33.30
CA ASP A 374 16.02 30.93 32.46
C ASP A 374 17.28 31.17 31.64
N TYR A 375 17.11 31.64 30.42
CA TYR A 375 18.23 31.82 29.54
C TYR A 375 18.06 33.19 28.91
N GLU A 376 19.13 33.99 29.04
CA GLU A 376 19.15 35.35 28.55
C GLU A 376 20.18 35.49 27.43
N HIS A 377 21.05 34.49 27.32
CA HIS A 377 22.30 34.62 26.57
C HIS A 377 22.19 34.85 25.07
N LEU A 378 21.01 34.72 24.45
CA LEU A 378 20.84 35.14 23.04
C LEU A 378 20.10 36.47 22.95
N GLY A 379 19.99 37.14 24.12
CA GLY A 379 19.31 38.44 24.27
C GLY A 379 17.79 38.45 24.31
N VAL A 380 17.19 37.25 24.34
CA VAL A 380 15.76 37.05 24.48
C VAL A 380 15.54 36.17 25.69
N TYR A 381 14.50 36.46 26.46
CA TYR A 381 14.15 35.66 27.63
C TYR A 381 13.55 34.35 27.17
N ALA A 382 14.06 33.28 27.74
CA ALA A 382 13.54 31.99 27.41
C ALA A 382 13.63 31.14 28.63
N CYS A 383 12.76 30.16 28.71
CA CYS A 383 12.82 29.25 29.84
C CYS A 383 12.57 27.84 29.44
N ARG A 384 12.97 26.98 30.35
CA ARG A 384 12.65 25.59 30.30
C ARG A 384 12.17 25.25 31.69
N ILE A 385 10.99 24.62 31.76
CA ILE A 385 10.35 24.35 33.02
C ILE A 385 10.06 22.89 33.17
N ILE A 386 10.38 22.41 34.35
CA ILE A 386 10.11 21.04 34.67
C ILE A 386 9.24 20.92 35.91
N VAL A 387 8.16 20.14 35.80
CA VAL A 387 7.27 19.89 36.93
C VAL A 387 7.06 18.39 37.03
N PRO A 388 7.94 17.72 37.77
CA PRO A 388 7.91 16.26 37.76
C PRO A 388 6.56 15.80 38.22
N GLY A 389 6.00 14.82 37.53
CA GLY A 389 4.64 14.37 37.74
C GLY A 389 3.63 15.09 36.89
N MET A 390 4.04 16.06 36.10
CA MET A 390 3.08 16.81 35.29
C MET A 390 3.65 17.18 33.92
N SER A 391 4.87 17.71 33.89
CA SER A 391 5.46 18.07 32.62
C SER A 391 6.13 16.89 31.88
N ASP A 392 6.28 15.72 32.50
CA ASP A 392 6.89 14.58 31.86
C ASP A 392 6.14 14.17 30.62
N ILE A 393 6.87 13.95 29.52
CA ILE A 393 6.29 13.36 28.32
C ILE A 393 6.52 11.85 28.28
N TYR A 394 7.64 11.37 28.82
CA TYR A 394 7.94 9.93 28.79
C TYR A 394 8.07 9.53 30.22
N PRO A 395 7.69 8.30 30.56
CA PRO A 395 7.76 7.92 32.00
C PRO A 395 9.17 7.58 32.45
N ALA A 396 9.43 7.68 33.74
CA ALA A 396 10.78 7.53 34.28
C ALA A 396 11.48 6.22 33.94
N GLU A 397 10.73 5.15 33.80
CA GLU A 397 11.33 3.87 33.42
C GLU A 397 12.01 3.92 32.05
N ASP A 398 11.64 4.85 31.18
CA ASP A 398 12.39 5.03 29.93
C ASP A 398 13.91 5.33 30.11
N LEU A 399 14.34 5.71 31.31
CA LEU A 399 15.76 5.91 31.57
C LEU A 399 16.50 4.57 31.51
N TRP A 400 15.75 3.51 31.76
CA TRP A 400 16.23 2.16 31.57
C TRP A 400 15.89 1.66 30.16
N LEU A 401 14.66 1.82 29.71
CA LEU A 401 14.19 1.06 28.56
C LEU A 401 14.36 1.74 27.23
N ALA A 402 14.40 3.06 27.24
CA ALA A 402 14.45 3.83 25.99
C ALA A 402 15.26 5.09 26.18
N ASN A 403 16.48 4.88 26.66
CA ASN A 403 17.41 5.93 26.86
C ASN A 403 18.11 6.20 25.55
N ASN A 404 18.13 7.45 25.15
CA ASN A 404 18.73 7.88 23.91
C ASN A 404 20.25 7.92 23.94
N SER A 405 20.85 7.59 25.09
CA SER A 405 22.28 7.51 25.25
C SER A 405 22.77 6.09 25.08
N MET A 406 22.04 5.10 25.62
CA MET A 406 22.23 3.67 25.27
C MET A 406 22.56 3.64 23.80
N GLY A 407 23.62 2.93 23.42
CA GLY A 407 24.03 2.96 22.00
C GLY A 407 25.24 3.80 21.68
N SER A 408 25.67 4.59 22.64
CA SER A 408 26.83 5.40 22.47
C SER A 408 28.20 4.70 22.76
N HIS A 409 28.32 3.79 23.73
CA HIS A 409 29.58 2.97 23.86
C HIS A 409 30.12 2.30 22.53
N LEU A 410 29.19 1.84 21.68
CA LEU A 410 29.44 1.26 20.36
C LEU A 410 29.62 2.23 19.19
N ARG A 411 29.46 3.51 19.39
CA ARG A 411 29.52 4.41 18.27
C ARG A 411 30.85 4.30 17.50
N GLU A 412 31.94 4.21 18.23
CA GLU A 412 33.27 4.29 17.62
C GLU A 412 33.50 3.08 16.74
N THR A 413 33.23 1.92 17.32
CA THR A 413 33.24 0.69 16.60
C THR A 413 32.48 0.84 15.27
N ILE A 414 31.19 1.13 15.36
CA ILE A 414 30.33 1.18 14.19
C ILE A 414 30.80 2.22 13.20
N LEU A 415 31.25 3.38 13.68
CA LEU A 415 31.66 4.40 12.71
C LEU A 415 32.88 4.03 11.90
N SER A 416 33.62 3.05 12.40
CA SER A 416 34.87 2.65 11.81
C SER A 416 34.75 1.33 11.01
N LEU A 417 33.53 0.78 10.86
CA LEU A 417 33.35 -0.43 10.06
C LEU A 417 33.68 -0.25 8.57
N PRO A 418 33.22 0.83 7.96
CA PRO A 418 33.68 1.01 6.55
C PRO A 418 35.20 0.97 6.40
N GLY A 419 35.70 0.13 5.50
CA GLY A 419 37.16 -0.01 5.33
C GLY A 419 37.83 -0.91 6.35
N SER A 420 37.07 -1.41 7.32
CA SER A 420 37.68 -2.08 8.44
C SER A 420 38.29 -3.36 7.86
N GLU A 421 39.34 -3.89 8.49
CA GLU A 421 39.98 -5.16 8.10
C GLU A 421 40.18 -6.05 9.33
N TRP A 422 39.13 -6.24 10.08
CA TRP A 422 39.26 -7.00 11.26
C TRP A 422 39.15 -8.45 10.92
N GLU A 423 39.27 -9.28 11.95
CA GLU A 423 39.05 -10.69 11.90
C GLU A 423 37.63 -10.95 11.61
N LYS A 424 37.34 -11.98 10.83
CA LYS A 424 35.96 -12.42 10.67
C LYS A 424 35.24 -12.55 12.00
N GLU A 425 35.92 -13.04 13.01
CA GLU A 425 35.26 -13.24 14.30
C GLU A 425 34.73 -11.94 14.91
N ASP A 426 35.48 -10.86 14.75
CA ASP A 426 35.16 -9.58 15.37
C ASP A 426 33.76 -9.16 14.90
N TYR A 427 33.57 -9.18 13.58
CA TYR A 427 32.30 -8.79 12.96
C TYR A 427 31.14 -9.62 13.42
N LEU A 428 31.33 -10.90 13.59
CA LEU A 428 30.22 -11.75 14.02
C LEU A 428 29.88 -11.57 15.48
N ASN A 429 30.88 -11.24 16.30
CA ASN A 429 30.64 -10.95 17.72
C ASN A 429 29.81 -9.71 17.83
N LEU A 430 30.05 -8.79 16.93
CA LEU A 430 29.32 -7.59 16.93
C LEU A 430 27.82 -7.84 16.70
N ILE A 431 27.47 -8.72 15.78
CA ILE A 431 26.07 -9.14 15.69
C ILE A 431 25.54 -9.66 17.03
N GLU A 432 26.31 -10.51 17.68
CA GLU A 432 25.86 -10.99 18.98
C GLU A 432 25.74 -9.85 19.98
N GLN A 433 26.68 -8.89 19.99
CA GLN A 433 26.61 -7.80 20.96
C GLN A 433 25.30 -7.06 20.73
N LEU A 434 25.03 -6.68 19.50
CA LEU A 434 23.82 -5.91 19.21
C LEU A 434 22.60 -6.63 19.72
N ASP A 435 22.63 -7.95 19.75
CA ASP A 435 21.48 -8.71 20.27
C ASP A 435 21.47 -8.82 21.76
N GLU A 436 22.63 -8.99 22.37
CA GLU A 436 22.71 -8.98 23.83
C GLU A 436 22.17 -7.64 24.34
N GLU A 437 22.63 -6.54 23.76
CA GLU A 437 22.22 -5.21 24.21
C GLU A 437 20.76 -4.89 23.92
N GLY A 438 20.09 -5.73 23.12
CA GLY A 438 18.65 -5.62 22.90
C GLY A 438 18.17 -4.58 21.90
N PHE A 439 19.04 -4.08 21.04
CA PHE A 439 18.59 -3.10 20.03
C PHE A 439 17.56 -3.69 19.10
N ASP A 440 16.49 -2.94 18.86
CA ASP A 440 15.47 -3.33 17.90
C ASP A 440 16.07 -3.32 16.50
N ASP A 441 15.76 -4.36 15.73
CA ASP A 441 16.26 -4.49 14.38
C ASP A 441 15.85 -3.32 13.52
N PHE A 442 14.75 -2.67 13.83
CA PHE A 442 14.28 -1.55 13.02
C PHE A 442 14.83 -0.21 13.42
N THR A 443 15.61 -0.17 14.49
CA THR A 443 16.18 1.09 14.90
C THR A 443 17.09 1.63 13.82
N ARG A 444 16.84 2.86 13.37
CA ARG A 444 17.76 3.54 12.49
C ARG A 444 19.08 3.82 13.24
N VAL A 445 20.19 3.49 12.60
CA VAL A 445 21.48 3.58 13.26
C VAL A 445 21.85 5.05 13.49
N ARG A 446 21.52 5.90 12.54
CA ARG A 446 21.72 7.34 12.72
C ARG A 446 21.01 7.94 13.98
N GLU A 447 19.86 7.39 14.34
CA GLU A 447 19.15 7.85 15.53
C GLU A 447 19.84 7.31 16.75
N LEU A 448 20.25 6.05 16.67
CA LEU A 448 20.85 5.39 17.82
C LEU A 448 22.17 6.05 18.20
N LEU A 449 22.88 6.60 17.22
CA LEU A 449 24.21 7.16 17.43
C LEU A 449 24.24 8.66 17.39
N GLY A 450 23.18 9.26 16.88
CA GLY A 450 23.06 10.68 16.87
C GLY A 450 23.79 11.33 15.73
N LEU A 451 23.51 10.87 14.51
CA LEU A 451 24.15 11.39 13.32
C LEU A 451 23.18 12.03 12.37
N ALA A 452 23.54 13.23 11.96
CA ALA A 452 22.96 13.91 10.86
C ALA A 452 23.67 13.49 9.58
N THR A 453 23.09 12.54 8.88
CA THR A 453 23.74 11.95 7.74
C THR A 453 23.55 12.69 6.44
N GLY A 454 22.40 13.34 6.24
CA GLY A 454 22.03 13.71 4.88
C GLY A 454 21.36 12.52 4.21
N SER A 455 20.74 12.73 3.07
CA SER A 455 19.93 11.71 2.39
C SER A 455 20.61 10.90 1.32
N ASP A 456 21.81 11.29 0.92
CA ASP A 456 22.45 10.66 -0.21
C ASP A 456 23.60 9.75 0.25
N ASN A 457 23.33 8.93 1.26
CA ASN A 457 24.24 7.85 1.55
C ASN A 457 23.50 6.73 2.29
N GLY A 458 24.22 5.65 2.54
CA GLY A 458 23.61 4.46 3.08
C GLY A 458 23.28 4.58 4.53
N TRP A 459 23.99 5.49 5.21
CA TRP A 459 23.76 5.72 6.63
C TRP A 459 22.37 6.31 6.91
N TYR A 460 21.86 7.09 5.96
CA TYR A 460 20.54 7.66 6.06
C TYR A 460 19.49 6.63 6.37
N THR A 461 19.60 5.45 5.75
CA THR A 461 18.56 4.43 5.76
C THR A 461 18.98 3.15 6.49
N LEU A 462 20.14 3.20 7.16
CA LEU A 462 20.72 2.02 7.79
C LEU A 462 20.03 1.68 9.11
N ARG A 463 19.34 0.55 9.16
CA ARG A 463 18.74 0.10 10.39
C ARG A 463 19.58 -1.02 10.89
N ILE A 464 19.41 -1.38 12.16
CA ILE A 464 20.18 -2.45 12.78
C ILE A 464 20.14 -3.74 11.98
N GLY A 465 18.97 -4.09 11.45
CA GLY A 465 18.87 -5.33 10.68
C GLY A 465 19.80 -5.32 9.50
N GLU A 466 19.87 -4.20 8.81
CA GLU A 466 20.72 -4.11 7.61
C GLU A 466 22.16 -4.19 8.02
N LEU A 467 22.49 -3.60 9.17
CA LEU A 467 23.82 -3.64 9.69
C LEU A 467 24.27 -5.04 10.02
N LYS A 468 23.39 -5.82 10.63
CA LYS A 468 23.68 -7.22 10.82
C LYS A 468 23.98 -7.91 9.50
N ALA A 469 23.26 -7.55 8.44
CA ALA A 469 23.54 -8.17 7.17
C ALA A 469 24.97 -7.90 6.76
N MET A 470 25.42 -6.68 6.94
CA MET A 470 26.74 -6.29 6.48
C MET A 470 27.79 -6.95 7.32
N LEU A 471 27.49 -7.10 8.60
CA LEU A 471 28.41 -7.75 9.52
C LEU A 471 28.56 -9.24 9.22
N ALA A 472 27.46 -9.89 8.84
CA ALA A 472 27.45 -11.30 8.49
C ALA A 472 28.29 -11.50 7.23
N LEU A 473 28.10 -10.61 6.26
CA LEU A 473 28.90 -10.62 5.06
C LEU A 473 30.37 -10.43 5.37
N ALA A 474 30.72 -9.45 6.18
CA ALA A 474 32.15 -9.23 6.47
C ALA A 474 32.71 -10.38 7.31
N GLY A 475 31.86 -11.00 8.11
CA GLY A 475 32.29 -12.15 8.92
C GLY A 475 32.18 -13.49 8.23
N GLY A 476 31.79 -13.48 6.97
CA GLY A 476 31.66 -14.70 6.17
C GLY A 476 30.62 -15.68 6.67
N ASP A 477 29.50 -15.21 7.19
CA ASP A 477 28.38 -16.11 7.48
C ASP A 477 27.24 -15.77 6.52
N LEU A 478 27.16 -16.53 5.43
CA LEU A 478 26.17 -16.26 4.38
C LEU A 478 24.75 -16.77 4.69
N GLU A 479 24.59 -17.63 5.70
CA GLU A 479 23.23 -18.08 6.05
C GLU A 479 22.57 -16.94 6.77
N GLN A 480 23.31 -16.34 7.70
CA GLN A 480 22.87 -15.09 8.35
C GLN A 480 22.80 -13.91 7.40
N ALA A 481 23.80 -13.75 6.53
CA ALA A 481 23.77 -12.64 5.60
C ALA A 481 22.49 -12.67 4.73
N LEU A 482 22.03 -13.85 4.40
CA LEU A 482 20.83 -14.00 3.60
C LEU A 482 19.63 -13.62 4.39
N VAL A 483 19.61 -14.04 5.63
CA VAL A 483 18.46 -13.75 6.46
C VAL A 483 18.23 -12.26 6.56
N TRP A 484 19.31 -11.53 6.84
CA TRP A 484 19.25 -10.09 7.09
C TRP A 484 19.15 -9.29 5.82
N THR A 485 19.71 -9.83 4.75
CA THR A 485 19.53 -9.21 3.47
C THR A 485 18.07 -9.32 2.99
N GLU A 486 17.42 -10.45 3.24
CA GLU A 486 15.96 -10.56 3.00
C GLU A 486 15.18 -9.57 3.84
N TRP A 487 15.52 -9.52 5.11
CA TRP A 487 14.90 -8.59 6.05
C TRP A 487 15.06 -7.18 5.52
N THR A 488 16.25 -6.85 5.04
CA THR A 488 16.54 -5.51 4.59
C THR A 488 15.69 -5.17 3.38
N MET A 489 15.68 -6.06 2.40
CA MET A 489 14.81 -5.91 1.22
C MET A 489 13.34 -5.78 1.62
N GLU A 490 12.88 -6.60 2.55
CA GLU A 490 11.48 -6.53 2.93
C GLU A 490 11.07 -5.23 3.59
N PHE A 491 11.95 -4.64 4.40
CA PHE A 491 11.57 -3.47 5.19
C PHE A 491 12.18 -2.12 4.79
N ASN A 492 12.88 -2.05 3.65
CA ASN A 492 13.60 -0.83 3.24
C ASN A 492 13.69 -0.55 1.75
N SER A 493 13.43 -1.52 0.87
CA SER A 493 13.56 -1.24 -0.57
C SER A 493 12.73 -0.01 -0.99
N SER A 494 11.55 0.11 -0.39
CA SER A 494 10.73 1.33 -0.31
C SER A 494 11.57 2.65 -0.36
N VAL A 495 12.34 2.92 0.70
CA VAL A 495 13.11 4.18 0.85
C VAL A 495 14.50 4.24 0.19
N PHE A 496 15.09 3.12 -0.18
CA PHE A 496 16.38 3.14 -0.81
C PHE A 496 16.31 3.88 -2.13
N SER A 497 17.40 4.56 -2.47
CA SER A 497 17.62 5.02 -3.82
C SER A 497 17.55 3.84 -4.76
N PRO A 498 17.17 4.08 -6.00
CA PRO A 498 17.16 2.99 -6.99
C PRO A 498 18.48 2.25 -7.09
N GLU A 499 19.58 2.96 -6.97
CA GLU A 499 20.89 2.35 -7.07
C GLU A 499 21.10 1.41 -5.85
N ARG A 500 20.73 1.84 -4.65
CA ARG A 500 20.94 1.02 -3.48
C ARG A 500 20.02 -0.21 -3.45
N ALA A 501 18.84 -0.04 -4.02
CA ALA A 501 17.83 -1.09 -4.03
C ALA A 501 18.20 -2.14 -5.05
N ASN A 502 18.78 -1.68 -6.15
CA ASN A 502 19.30 -2.57 -7.16
C ASN A 502 20.45 -3.43 -6.65
N TYR A 503 21.38 -2.80 -5.94
CA TYR A 503 22.47 -3.52 -5.25
C TYR A 503 21.91 -4.61 -4.34
N TYR A 504 20.92 -4.30 -3.51
CA TYR A 504 20.41 -5.31 -2.57
C TYR A 504 19.64 -6.40 -3.27
N ARG A 505 19.03 -6.06 -4.37
CA ARG A 505 18.26 -7.03 -5.12
C ARG A 505 19.22 -8.00 -5.71
N CYS A 506 20.36 -7.46 -6.15
CA CYS A 506 21.41 -8.29 -6.78
C CYS A 506 22.02 -9.23 -5.73
N LEU A 507 22.33 -8.62 -4.60
CA LEU A 507 22.95 -9.32 -3.52
C LEU A 507 22.10 -10.43 -2.98
N GLN A 508 20.81 -10.15 -2.84
CA GLN A 508 19.88 -11.15 -2.39
C GLN A 508 19.84 -12.33 -3.35
N THR A 509 19.77 -12.03 -4.64
CA THR A 509 19.79 -13.07 -5.63
C THR A 509 21.06 -13.92 -5.47
N LEU A 510 22.21 -13.27 -5.28
CA LEU A 510 23.43 -14.05 -5.15
C LEU A 510 23.48 -14.91 -3.89
N LEU A 511 22.90 -14.41 -2.81
CA LEU A 511 22.91 -15.18 -1.58
C LEU A 511 21.99 -16.34 -1.72
N LEU A 512 20.88 -16.12 -2.39
CA LEU A 512 19.94 -17.21 -2.65
C LEU A 512 20.60 -18.29 -3.53
N LEU A 513 21.34 -17.84 -4.55
CA LEU A 513 22.03 -18.76 -5.43
C LEU A 513 23.06 -19.56 -4.64
N ALA A 514 23.77 -18.94 -3.69
CA ALA A 514 24.77 -19.66 -2.90
C ALA A 514 24.18 -20.79 -2.08
N GLN A 515 22.89 -20.75 -1.77
CA GLN A 515 22.23 -21.85 -1.08
C GLN A 515 21.77 -22.98 -2.01
N GLU A 516 22.01 -22.85 -3.32
CA GLU A 516 21.50 -23.82 -4.29
C GLU A 516 22.51 -24.87 -4.51
N GLU A 517 22.22 -26.06 -4.00
CA GLU A 517 23.17 -27.14 -3.96
C GLU A 517 23.33 -27.78 -5.31
N ASP A 518 22.34 -27.65 -6.18
CA ASP A 518 22.44 -28.27 -7.47
C ASP A 518 22.48 -27.27 -8.60
N ARG A 519 23.15 -26.16 -8.40
CA ARG A 519 23.25 -25.16 -9.47
C ARG A 519 24.62 -24.56 -9.52
N GLN A 520 25.01 -24.20 -10.72
CA GLN A 520 26.32 -23.79 -10.99
C GLN A 520 26.28 -22.29 -11.27
N PRO A 521 26.80 -21.48 -10.34
CA PRO A 521 26.79 -20.05 -10.45
C PRO A 521 27.23 -19.46 -11.76
N LEU A 522 28.25 -20.00 -12.39
CA LEU A 522 28.69 -19.36 -13.64
C LEU A 522 27.58 -19.36 -14.71
N GLN A 523 26.63 -20.28 -14.59
CA GLN A 523 25.58 -20.36 -15.59
C GLN A 523 24.71 -19.11 -15.62
N TYR A 524 24.69 -18.37 -14.53
CA TYR A 524 23.77 -17.27 -14.34
C TYR A 524 24.43 -15.92 -14.40
N LEU A 525 25.72 -15.87 -14.63
CA LEU A 525 26.36 -14.60 -14.44
C LEU A 525 26.03 -13.61 -15.47
N ASN A 526 26.04 -14.03 -16.71
CA ASN A 526 25.74 -13.11 -17.74
C ASN A 526 24.34 -12.55 -17.54
N ALA A 527 23.39 -13.39 -17.15
CA ALA A 527 22.03 -12.91 -16.95
C ALA A 527 21.98 -11.88 -15.83
N PHE A 528 22.68 -12.14 -14.74
CA PHE A 528 22.78 -11.20 -13.62
C PHE A 528 23.38 -9.90 -14.07
N VAL A 529 24.40 -9.94 -14.89
CA VAL A 529 24.97 -8.68 -15.32
C VAL A 529 23.94 -7.87 -16.10
N ARG A 530 23.15 -8.54 -16.92
CA ARG A 530 22.13 -7.83 -17.68
C ARG A 530 21.05 -7.25 -16.80
N MET A 531 20.71 -7.92 -15.71
CA MET A 531 19.61 -7.44 -14.89
C MET A 531 20.09 -6.37 -13.99
N TYR A 532 21.25 -6.59 -13.36
CA TYR A 532 21.66 -5.77 -12.23
C TYR A 532 22.76 -4.76 -12.58
N GLY A 533 23.36 -4.93 -13.75
CA GLY A 533 24.51 -4.15 -14.09
C GLY A 533 25.77 -4.72 -13.47
N ALA A 534 26.87 -4.47 -14.14
CA ALA A 534 28.15 -5.02 -13.76
C ALA A 534 28.65 -4.50 -12.41
N ASP A 535 28.45 -3.22 -12.15
CA ASP A 535 28.95 -2.66 -10.87
C ASP A 535 28.29 -3.33 -9.70
N ALA A 536 26.97 -3.45 -9.76
CA ALA A 536 26.23 -4.08 -8.69
C ALA A 536 26.67 -5.55 -8.50
N VAL A 537 26.82 -6.26 -9.61
CA VAL A 537 27.33 -7.61 -9.54
C VAL A 537 28.72 -7.63 -8.91
N GLU A 538 29.63 -6.77 -9.38
CA GLU A 538 30.98 -6.74 -8.82
C GLU A 538 30.90 -6.50 -7.32
N ALA A 539 30.16 -5.46 -6.97
CA ALA A 539 30.02 -5.02 -5.58
C ALA A 539 29.39 -6.07 -4.68
N ALA A 540 28.31 -6.67 -5.16
CA ALA A 540 27.63 -7.69 -4.39
C ALA A 540 28.53 -8.88 -4.19
N SER A 541 29.25 -9.26 -5.23
CA SER A 541 30.19 -10.38 -5.08
C SER A 541 31.33 -10.05 -4.11
N ALA A 542 31.84 -8.82 -4.17
CA ALA A 542 32.85 -8.36 -3.23
C ALA A 542 32.32 -8.37 -1.81
N ALA A 543 31.07 -7.95 -1.63
CA ALA A 543 30.47 -8.05 -0.34
C ALA A 543 30.36 -9.51 0.09
N MET A 544 30.16 -10.42 -0.83
CA MET A 544 29.93 -11.80 -0.41
C MET A 544 31.20 -12.46 -0.03
N SER A 545 32.30 -11.93 -0.55
CA SER A 545 33.60 -12.49 -0.22
C SER A 545 34.06 -11.96 1.15
N GLY A 546 33.36 -10.95 1.67
CA GLY A 546 33.81 -10.28 2.88
C GLY A 546 34.70 -9.12 2.52
N GLU A 547 35.05 -8.97 1.26
CA GLU A 547 35.96 -7.93 0.91
C GLU A 547 35.36 -6.58 1.30
N ALA A 548 34.18 -6.20 0.81
CA ALA A 548 33.66 -4.84 1.09
C ALA A 548 32.17 -4.86 1.42
N ALA A 549 31.86 -5.28 2.62
CA ALA A 549 30.48 -5.56 3.00
C ALA A 549 29.63 -4.30 3.26
N PHE A 550 30.30 -3.19 3.55
CA PHE A 550 29.63 -2.00 4.08
C PHE A 550 29.27 -1.07 2.97
N TYR A 551 28.49 -1.61 2.04
CA TYR A 551 28.15 -0.97 0.79
C TYR A 551 27.51 0.38 1.00
N GLY A 552 28.06 1.42 0.39
CA GLY A 552 27.49 2.76 0.39
C GLY A 552 27.66 3.52 1.70
N LEU A 553 28.37 2.91 2.66
CA LEU A 553 28.75 3.54 3.92
C LEU A 553 30.18 4.07 3.91
N GLN A 554 30.33 5.37 3.75
CA GLN A 554 31.64 6.02 3.88
C GLN A 554 32.05 5.99 5.31
N PRO A 555 33.36 5.98 5.58
CA PRO A 555 33.88 5.97 6.95
C PRO A 555 33.71 7.35 7.58
N VAL A 556 33.59 7.37 8.92
CA VAL A 556 33.16 8.57 9.64
C VAL A 556 34.12 8.86 10.79
N ASP A 557 34.68 10.07 10.78
CA ASP A 557 35.58 10.52 11.83
C ASP A 557 34.84 10.98 13.09
N SER A 558 35.63 11.13 14.14
CA SER A 558 35.14 11.63 15.41
C SER A 558 34.48 13.01 15.41
N ASP A 559 34.73 13.87 14.42
CA ASP A 559 34.00 15.16 14.32
C ASP A 559 33.01 15.22 13.14
N LEU A 560 32.83 14.07 12.49
CA LEU A 560 31.82 13.89 11.50
C LEU A 560 31.99 14.75 10.24
N HIS A 561 33.25 15.00 9.86
CA HIS A 561 33.52 15.75 8.61
C HIS A 561 32.93 15.02 7.46
N ALA A 562 32.81 13.69 7.59
CA ALA A 562 32.15 12.84 6.57
C ALA A 562 30.71 13.23 6.19
N PHE A 563 29.93 13.81 7.11
CA PHE A 563 28.56 14.20 6.82
C PHE A 563 28.45 15.69 6.66
N ALA A 564 28.07 16.15 5.48
CA ALA A 564 27.88 17.59 5.25
C ALA A 564 26.79 18.16 6.18
N ALA A 565 25.68 17.43 6.26
CA ALA A 565 24.57 17.74 7.15
C ALA A 565 25.03 17.98 8.58
N HIS A 566 25.80 17.05 9.09
CA HIS A 566 26.27 17.21 10.44
C HIS A 566 27.24 18.38 10.59
N GLN A 567 27.98 18.69 9.54
CA GLN A 567 28.91 19.85 9.59
C GLN A 567 28.13 21.13 9.66
N SER A 568 27.08 21.21 8.88
CA SER A 568 26.14 22.33 8.93
C SER A 568 25.49 22.51 10.31
N LEU A 569 25.08 21.41 10.89
CA LEU A 569 24.59 21.40 12.23
C LEU A 569 25.64 21.99 13.16
N LEU A 570 26.89 21.56 13.07
CA LEU A 570 27.91 22.08 13.98
C LEU A 570 28.34 23.52 13.68
N LYS A 571 28.21 23.98 12.44
CA LYS A 571 28.44 25.40 12.14
C LYS A 571 27.42 26.27 12.88
N ALA A 572 26.15 25.89 12.81
CA ALA A 572 25.10 26.52 13.60
C ALA A 572 25.41 26.43 15.09
N TYR A 573 25.74 25.26 15.58
CA TYR A 573 25.95 25.17 16.99
C TYR A 573 27.06 26.09 17.44
N GLU A 574 28.04 26.31 16.59
CA GLU A 574 29.23 27.05 17.03
C GLU A 574 28.83 28.50 17.27
N LYS A 575 27.97 29.04 16.43
CA LYS A 575 27.39 30.36 16.70
C LYS A 575 26.83 30.51 18.12
N LEU A 576 26.20 29.47 18.63
CA LEU A 576 25.63 29.53 19.96
C LEU A 576 26.72 29.39 20.98
N GLN A 577 27.68 28.51 20.72
CA GLN A 577 28.78 28.37 21.66
C GLN A 577 29.51 29.73 21.83
N ARG A 578 29.63 30.46 20.73
CA ARG A 578 30.22 31.81 20.72
C ARG A 578 29.43 32.70 21.67
N ALA A 579 28.13 32.81 21.38
CA ALA A 579 27.22 33.62 22.21
C ALA A 579 27.23 33.24 23.69
N LYS A 580 27.49 31.98 24.01
CA LYS A 580 27.59 31.63 25.42
C LYS A 580 28.77 32.28 26.18
N ALA A 581 29.88 32.65 25.54
CA ALA A 581 30.97 33.36 26.30
C ALA A 581 30.96 34.95 26.43
N ALA B 12 -3.81 -3.82 -50.02
CA ALA B 12 -4.28 -5.10 -49.45
C ALA B 12 -4.72 -4.97 -47.99
N LEU B 13 -3.84 -4.48 -47.12
CA LEU B 13 -4.18 -4.31 -45.69
C LEU B 13 -5.34 -3.32 -45.48
N GLU B 14 -5.23 -2.17 -46.15
CA GLU B 14 -6.22 -1.06 -46.12
C GLU B 14 -7.58 -1.59 -46.57
N ASP B 15 -7.52 -2.53 -47.49
CA ASP B 15 -8.66 -3.25 -48.02
C ASP B 15 -9.24 -4.33 -47.06
N SER B 16 -8.39 -5.07 -46.36
CA SER B 16 -8.90 -6.01 -45.35
C SER B 16 -9.63 -5.27 -44.23
N ILE B 17 -9.02 -4.18 -43.82
CA ILE B 17 -9.55 -3.39 -42.76
C ILE B 17 -10.93 -2.97 -43.19
N ALA B 18 -10.99 -2.23 -44.29
CA ALA B 18 -12.23 -1.70 -44.80
C ALA B 18 -13.26 -2.81 -44.90
N ARG B 19 -12.88 -3.95 -45.46
CA ARG B 19 -13.79 -5.07 -45.58
C ARG B 19 -14.31 -5.62 -44.22
N PHE B 20 -13.45 -5.70 -43.20
CA PHE B 20 -13.90 -6.07 -41.86
C PHE B 20 -14.87 -5.02 -41.34
N GLN B 21 -14.50 -3.75 -41.46
CA GLN B 21 -15.35 -2.63 -40.97
C GLN B 21 -16.74 -2.57 -41.60
N GLN B 22 -16.79 -2.90 -42.89
CA GLN B 22 -18.07 -2.98 -43.59
C GLN B 22 -18.90 -4.16 -43.07
N LYS B 23 -18.31 -5.36 -42.96
CA LYS B 23 -19.06 -6.50 -42.40
C LYS B 23 -19.56 -6.28 -40.99
N LEU B 24 -18.81 -5.52 -40.22
CA LEU B 24 -19.25 -5.18 -38.88
C LEU B 24 -20.42 -4.23 -38.90
N SER B 25 -20.32 -3.11 -39.63
CA SER B 25 -21.47 -2.21 -39.80
C SER B 25 -22.67 -3.00 -40.24
N ASP B 26 -22.48 -3.86 -41.21
CA ASP B 26 -23.59 -4.61 -41.73
C ASP B 26 -24.20 -5.54 -40.69
N LEU B 27 -23.48 -5.87 -39.62
CA LEU B 27 -24.04 -6.68 -38.53
C LEU B 27 -24.67 -5.82 -37.43
N GLY B 28 -24.54 -4.51 -37.57
CA GLY B 28 -25.03 -3.57 -36.60
C GLY B 28 -23.98 -3.14 -35.59
N PHE B 29 -22.69 -3.37 -35.88
CA PHE B 29 -21.63 -3.05 -34.94
C PHE B 29 -20.84 -1.84 -35.38
N GLN B 30 -20.90 -0.79 -34.59
CA GLN B 30 -20.18 0.44 -34.84
C GLN B 30 -18.95 0.39 -33.93
N ILE B 31 -17.79 0.24 -34.54
CA ILE B 31 -16.55 0.03 -33.81
C ILE B 31 -15.68 1.27 -33.82
N GLU B 32 -14.90 1.48 -32.77
CA GLU B 32 -14.03 2.65 -32.75
C GLU B 32 -12.69 2.31 -32.14
N GLU B 33 -11.67 2.83 -32.79
CA GLU B 33 -10.31 2.79 -32.30
C GLU B 33 -10.20 3.64 -31.07
N ALA B 34 -9.69 3.09 -29.99
CA ALA B 34 -9.73 3.77 -28.73
C ALA B 34 -8.37 4.38 -28.44
N SER B 35 -7.36 3.51 -28.28
CA SER B 35 -6.03 3.94 -27.91
C SER B 35 -5.08 3.19 -28.84
N TRP B 36 -3.91 3.78 -29.04
CA TRP B 36 -2.97 3.41 -30.08
C TRP B 36 -1.60 3.55 -29.47
N LEU B 37 -0.69 2.65 -29.80
CA LEU B 37 0.65 2.75 -29.29
C LEU B 37 1.66 2.36 -30.34
N ASN B 38 2.75 3.11 -30.37
CA ASN B 38 3.89 2.80 -31.21
C ASN B 38 5.13 3.00 -30.38
N PRO B 39 5.30 2.15 -29.37
CA PRO B 39 6.31 2.36 -28.37
C PRO B 39 7.73 2.25 -28.89
N VAL B 40 7.93 1.46 -29.94
CA VAL B 40 9.21 1.35 -30.58
C VAL B 40 8.98 1.07 -32.05
N PRO B 41 9.99 1.32 -32.86
CA PRO B 41 9.87 1.13 -34.29
C PRO B 41 9.37 -0.25 -34.62
N ASN B 42 8.41 -0.32 -35.54
CA ASN B 42 7.90 -1.58 -36.02
C ASN B 42 7.09 -2.35 -35.01
N VAL B 43 6.56 -1.63 -34.01
CA VAL B 43 5.69 -2.22 -33.03
C VAL B 43 4.50 -1.31 -32.75
N TRP B 44 3.33 -1.84 -33.06
CA TRP B 44 2.10 -1.16 -32.88
C TRP B 44 1.09 -2.06 -32.17
N SER B 45 0.29 -1.43 -31.33
CA SER B 45 -0.93 -2.04 -30.82
C SER B 45 -2.05 -0.99 -30.81
N VAL B 46 -3.26 -1.53 -30.87
CA VAL B 46 -4.41 -0.72 -30.87
C VAL B 46 -5.46 -1.45 -30.05
N HIS B 47 -6.35 -0.65 -29.45
CA HIS B 47 -7.50 -1.14 -28.72
C HIS B 47 -8.76 -0.69 -29.45
N ILE B 48 -9.73 -1.59 -29.63
CA ILE B 48 -11.00 -1.23 -30.35
C ILE B 48 -12.24 -1.70 -29.60
N ARG B 49 -13.32 -0.92 -29.63
CA ARG B 49 -14.57 -1.32 -28.93
C ARG B 49 -15.86 -0.97 -29.68
N ASP B 50 -16.96 -1.55 -29.22
CA ASP B 50 -18.30 -1.15 -29.65
C ASP B 50 -18.58 0.28 -29.18
N LYS B 51 -19.17 1.12 -30.03
CA LYS B 51 -19.65 2.42 -29.54
C LYS B 51 -20.75 2.19 -28.53
N GLU B 52 -21.65 1.26 -28.81
CA GLU B 52 -22.75 0.95 -27.87
C GLU B 52 -22.27 0.44 -26.52
N CYS B 53 -21.03 -0.01 -26.48
CA CYS B 53 -20.64 -0.95 -25.46
C CYS B 53 -19.12 -1.08 -25.30
N ALA B 54 -18.59 -0.38 -24.30
CA ALA B 54 -17.15 -0.34 -24.08
C ALA B 54 -16.55 -1.68 -23.59
N LEU B 55 -17.30 -2.48 -22.83
CA LEU B 55 -16.78 -3.79 -22.38
C LEU B 55 -16.55 -4.81 -23.55
N CYS B 56 -17.06 -4.47 -24.75
CA CYS B 56 -17.07 -5.34 -25.98
C CYS B 56 -15.90 -4.81 -26.81
N PHE B 57 -14.71 -5.36 -26.53
CA PHE B 57 -13.48 -4.88 -27.13
C PHE B 57 -12.53 -6.01 -27.50
N THR B 58 -11.57 -5.69 -28.37
CA THR B 58 -10.41 -6.53 -28.61
C THR B 58 -9.18 -5.66 -28.74
N ASN B 59 -8.03 -6.30 -28.83
CA ASN B 59 -6.76 -5.66 -29.13
C ASN B 59 -6.07 -6.30 -30.30
N GLY B 60 -5.17 -5.53 -30.89
CA GLY B 60 -4.45 -5.97 -32.04
C GLY B 60 -3.03 -5.53 -31.91
N LYS B 61 -2.18 -6.23 -32.64
CA LYS B 61 -0.75 -5.97 -32.63
C LYS B 61 -0.21 -6.12 -34.03
N GLY B 62 0.91 -5.44 -34.30
CA GLY B 62 1.58 -5.62 -35.60
C GLY B 62 2.84 -4.78 -35.78
N ALA B 63 3.52 -5.02 -36.92
CA ALA B 63 4.67 -4.23 -37.28
C ALA B 63 4.33 -2.83 -37.82
N THR B 64 3.06 -2.60 -38.18
CA THR B 64 2.59 -1.28 -38.62
C THR B 64 1.23 -0.98 -38.04
N LYS B 65 0.91 0.31 -38.04
CA LYS B 65 -0.38 0.78 -37.63
C LYS B 65 -1.49 -0.03 -38.29
N LYS B 66 -1.44 -0.18 -39.60
CA LYS B 66 -2.52 -0.92 -40.26
C LYS B 66 -2.57 -2.39 -39.86
N ALA B 67 -1.38 -2.98 -39.67
CA ALA B 67 -1.31 -4.39 -39.27
C ALA B 67 -1.99 -4.57 -37.90
N ALA B 68 -1.80 -3.60 -37.01
CA ALA B 68 -2.37 -3.68 -35.70
C ALA B 68 -3.89 -3.65 -35.78
N LEU B 69 -4.42 -2.74 -36.58
CA LEU B 69 -5.86 -2.60 -36.70
C LEU B 69 -6.48 -3.83 -37.34
N ALA B 70 -5.81 -4.39 -38.33
CA ALA B 70 -6.34 -5.61 -38.95
C ALA B 70 -6.33 -6.76 -37.95
N SER B 71 -5.34 -6.76 -37.06
CA SER B 71 -5.23 -7.74 -36.00
C SER B 71 -6.43 -7.58 -35.06
N ALA B 72 -6.69 -6.35 -34.66
CA ALA B 72 -7.78 -6.11 -33.73
C ALA B 72 -9.15 -6.48 -34.31
N LEU B 73 -9.39 -6.17 -35.59
CA LEU B 73 -10.66 -6.52 -36.22
C LEU B 73 -10.74 -8.04 -36.41
N GLY B 74 -9.63 -8.65 -36.72
CA GLY B 74 -9.57 -10.12 -36.75
C GLY B 74 -10.00 -10.74 -35.42
N GLU B 75 -9.39 -10.23 -34.36
CA GLU B 75 -9.71 -10.74 -33.04
C GLU B 75 -11.19 -10.48 -32.75
N TYR B 76 -11.67 -9.33 -33.19
CA TYR B 76 -13.08 -8.98 -32.95
C TYR B 76 -13.99 -10.03 -33.53
N PHE B 77 -13.72 -10.45 -34.76
CA PHE B 77 -14.56 -11.49 -35.40
C PHE B 77 -14.40 -12.85 -34.80
N GLU B 78 -13.18 -13.11 -34.34
CA GLU B 78 -12.85 -14.31 -33.59
C GLU B 78 -13.71 -14.44 -32.34
N ARG B 79 -13.85 -13.32 -31.62
CA ARG B 79 -14.57 -13.32 -30.35
C ARG B 79 -16.06 -13.25 -30.50
N LEU B 80 -16.52 -12.47 -31.50
CA LEU B 80 -17.93 -12.47 -31.87
C LEU B 80 -18.37 -13.85 -32.33
N SER B 81 -17.57 -14.53 -33.15
CA SER B 81 -18.02 -15.80 -33.75
C SER B 81 -18.14 -16.94 -32.68
N THR B 82 -17.32 -16.87 -31.64
CA THR B 82 -17.26 -17.91 -30.59
C THR B 82 -18.15 -17.55 -29.39
N ASN B 83 -18.80 -16.39 -29.48
CA ASN B 83 -19.62 -15.84 -28.40
C ASN B 83 -18.79 -15.51 -27.18
N TYR B 84 -17.50 -15.28 -27.37
CA TYR B 84 -16.65 -15.22 -26.23
C TYR B 84 -16.89 -13.99 -25.32
N PHE B 85 -17.31 -12.86 -25.89
CA PHE B 85 -17.65 -11.66 -25.08
C PHE B 85 -18.69 -11.93 -23.98
N PHE B 86 -19.47 -12.97 -24.19
CA PHE B 86 -20.64 -13.25 -23.39
C PHE B 86 -20.36 -14.45 -22.46
N ALA B 87 -19.15 -14.98 -22.47
CA ALA B 87 -18.88 -16.26 -21.80
C ALA B 87 -18.94 -16.21 -20.29
N ASP B 88 -18.80 -15.03 -19.72
CA ASP B 88 -18.90 -14.92 -18.25
C ASP B 88 -20.26 -14.55 -17.72
N PHE B 89 -21.29 -14.57 -18.57
CA PHE B 89 -22.57 -13.99 -18.20
C PHE B 89 -23.72 -14.94 -18.43
N TRP B 90 -24.73 -14.80 -17.58
CA TRP B 90 -26.01 -15.45 -17.74
C TRP B 90 -26.82 -14.53 -18.62
N LEU B 91 -27.55 -15.12 -19.55
CA LEU B 91 -28.17 -14.34 -20.59
C LEU B 91 -29.66 -14.15 -20.38
N GLY B 92 -30.16 -14.64 -19.25
CA GLY B 92 -31.52 -14.37 -18.84
C GLY B 92 -32.49 -15.44 -19.27
N GLU B 93 -33.67 -15.38 -18.67
CA GLU B 93 -34.70 -16.37 -18.80
C GLU B 93 -35.22 -16.46 -20.26
N THR B 94 -35.37 -15.32 -20.94
CA THR B 94 -35.93 -15.32 -22.31
C THR B 94 -35.02 -16.04 -23.32
N ILE B 95 -33.75 -15.64 -23.33
CA ILE B 95 -32.74 -16.25 -24.20
C ILE B 95 -32.62 -17.72 -23.83
N ALA B 96 -32.66 -18.03 -22.54
CA ALA B 96 -32.41 -19.39 -22.07
C ALA B 96 -33.51 -20.35 -22.51
N ASN B 97 -34.65 -19.79 -22.91
CA ASN B 97 -35.77 -20.60 -23.44
C ASN B 97 -36.11 -20.37 -24.92
N GLY B 98 -35.39 -19.45 -25.57
CA GLY B 98 -35.52 -19.25 -27.01
C GLY B 98 -35.11 -20.44 -27.89
N PRO B 99 -35.24 -20.26 -29.19
CA PRO B 99 -34.96 -21.31 -30.16
C PRO B 99 -33.59 -21.96 -29.93
N PHE B 100 -32.56 -21.13 -29.87
CA PHE B 100 -31.21 -21.61 -29.56
C PHE B 100 -30.48 -20.62 -28.67
N VAL B 101 -29.48 -21.10 -27.94
CA VAL B 101 -28.75 -20.22 -27.05
C VAL B 101 -27.39 -19.80 -27.59
N HIS B 102 -26.61 -20.75 -28.06
CA HIS B 102 -25.29 -20.44 -28.57
C HIS B 102 -25.28 -20.45 -30.07
N TYR B 103 -25.76 -21.57 -30.60
CA TYR B 103 -25.82 -21.79 -32.03
C TYR B 103 -27.03 -22.67 -32.34
N PRO B 104 -27.65 -22.45 -33.50
CA PRO B 104 -28.74 -23.27 -34.04
C PRO B 104 -28.41 -24.76 -34.07
N ASN B 105 -27.17 -25.04 -34.45
CA ASN B 105 -26.48 -26.32 -34.33
C ASN B 105 -26.50 -27.12 -33.07
N GLU B 106 -26.58 -26.42 -31.94
CA GLU B 106 -26.29 -26.98 -30.64
C GLU B 106 -27.24 -28.14 -30.38
N LYS B 107 -26.94 -28.97 -29.39
CA LYS B 107 -27.81 -30.09 -29.07
C LYS B 107 -27.97 -30.08 -27.59
N TRP B 108 -29.20 -30.17 -27.11
CA TRP B 108 -29.50 -30.21 -25.66
C TRP B 108 -29.70 -31.63 -25.23
N PHE B 109 -29.02 -32.05 -24.18
CA PHE B 109 -29.17 -33.42 -23.68
C PHE B 109 -29.77 -33.32 -22.29
N PRO B 110 -31.02 -33.76 -22.13
CA PRO B 110 -31.64 -33.59 -20.82
C PRO B 110 -31.08 -34.59 -19.82
N LEU B 111 -31.19 -34.27 -18.54
CA LEU B 111 -30.54 -35.05 -17.51
C LEU B 111 -31.17 -36.41 -17.28
N THR B 112 -30.40 -37.32 -16.75
CA THR B 112 -30.88 -38.65 -16.52
C THR B 112 -31.13 -38.86 -15.03
N GLU B 113 -31.77 -39.97 -14.73
CA GLU B 113 -32.33 -40.24 -13.42
C GLU B 113 -31.27 -40.46 -12.34
N ASN B 114 -30.29 -41.27 -12.71
CA ASN B 114 -29.07 -41.45 -11.92
C ASN B 114 -28.02 -40.31 -12.13
N ASP B 115 -28.43 -39.26 -12.84
CA ASP B 115 -27.61 -38.07 -13.14
C ASP B 115 -26.25 -38.35 -13.75
N ASP B 116 -26.20 -39.37 -14.59
CA ASP B 116 -25.03 -39.65 -15.38
C ASP B 116 -24.96 -38.63 -16.47
N VAL B 117 -23.79 -38.55 -17.07
CA VAL B 117 -23.63 -37.73 -18.26
C VAL B 117 -24.31 -38.46 -19.41
N PRO B 118 -25.33 -37.84 -20.03
CA PRO B 118 -26.13 -38.43 -21.09
C PRO B 118 -25.31 -39.08 -22.18
N GLU B 119 -25.93 -40.04 -22.88
CA GLU B 119 -25.19 -40.94 -23.74
C GLU B 119 -24.62 -40.27 -24.99
N GLY B 120 -25.33 -39.33 -25.60
CA GLY B 120 -24.80 -38.78 -26.87
C GLY B 120 -23.73 -37.67 -26.83
N LEU B 121 -23.20 -37.36 -25.65
CA LEU B 121 -22.18 -36.29 -25.50
C LEU B 121 -20.75 -36.87 -25.46
N LEU B 122 -19.79 -36.11 -25.98
CA LEU B 122 -18.40 -36.50 -25.90
C LEU B 122 -18.07 -37.75 -26.73
N ASP B 123 -17.00 -38.45 -26.31
CA ASP B 123 -16.61 -39.73 -26.84
C ASP B 123 -15.73 -40.44 -25.78
N ASP B 124 -15.34 -41.68 -26.02
CA ASP B 124 -14.74 -42.48 -24.97
C ASP B 124 -13.47 -41.82 -24.47
N ARG B 125 -12.62 -41.37 -25.39
CA ARG B 125 -11.40 -40.65 -25.03
C ARG B 125 -11.69 -39.47 -24.09
N LEU B 126 -12.72 -38.70 -24.39
CA LEU B 126 -12.96 -37.49 -23.70
C LEU B 126 -13.55 -37.77 -22.33
N ARG B 127 -14.57 -38.63 -22.28
CA ARG B 127 -15.12 -39.07 -20.98
C ARG B 127 -13.98 -39.46 -20.04
N ALA B 128 -13.07 -40.27 -20.53
CA ALA B 128 -11.92 -40.71 -19.72
C ALA B 128 -11.03 -39.53 -19.28
N PHE B 129 -10.82 -38.57 -20.19
CA PHE B 129 -9.91 -37.46 -19.93
C PHE B 129 -10.50 -36.54 -18.87
N TYR B 130 -11.72 -36.11 -19.10
CA TYR B 130 -12.39 -35.24 -18.18
C TYR B 130 -12.86 -35.88 -16.88
N ASP B 131 -13.03 -37.20 -16.87
CA ASP B 131 -13.68 -37.89 -15.75
C ASP B 131 -12.99 -39.21 -15.45
N PRO B 132 -11.71 -39.13 -15.10
CA PRO B 132 -10.95 -40.36 -14.85
C PRO B 132 -11.50 -41.22 -13.70
N GLU B 133 -12.01 -40.58 -12.64
CA GLU B 133 -12.60 -41.34 -11.50
C GLU B 133 -14.06 -41.77 -11.73
N ASN B 134 -14.61 -41.39 -12.88
CA ASN B 134 -15.99 -41.70 -13.16
C ASN B 134 -16.94 -41.15 -12.10
N GLU B 135 -16.63 -40.00 -11.53
CA GLU B 135 -17.44 -39.37 -10.47
C GLU B 135 -18.04 -38.04 -11.00
N LEU B 136 -18.41 -37.99 -12.27
CA LEU B 136 -18.91 -36.75 -12.86
C LEU B 136 -20.39 -36.87 -13.14
N THR B 137 -21.14 -35.80 -12.86
CA THR B 137 -22.60 -35.84 -13.06
C THR B 137 -23.09 -34.81 -14.06
N GLY B 138 -24.21 -35.10 -14.72
CA GLY B 138 -24.73 -34.22 -15.74
C GLY B 138 -25.13 -32.85 -15.23
N SER B 139 -25.53 -32.76 -13.96
CA SER B 139 -26.03 -31.48 -13.40
C SER B 139 -24.90 -30.48 -13.17
N MET B 140 -23.68 -30.99 -13.13
CA MET B 140 -22.51 -30.14 -13.09
C MET B 140 -22.26 -29.44 -14.41
N LEU B 141 -22.91 -29.88 -15.49
CA LEU B 141 -22.50 -29.42 -16.85
C LEU B 141 -23.45 -28.44 -17.51
N ILE B 142 -24.20 -27.72 -16.70
CA ILE B 142 -25.17 -26.82 -17.24
C ILE B 142 -24.44 -25.55 -17.62
N ASP B 143 -24.61 -25.13 -18.86
CA ASP B 143 -23.95 -23.97 -19.30
C ASP B 143 -24.38 -22.75 -18.51
N LEU B 144 -23.44 -21.84 -18.31
CA LEU B 144 -23.69 -20.64 -17.54
C LEU B 144 -24.65 -19.76 -18.26
N GLN B 145 -24.55 -19.69 -19.57
CA GLN B 145 -25.33 -18.68 -20.30
C GLN B 145 -26.83 -18.89 -20.17
N SER B 146 -27.25 -20.15 -20.18
CA SER B 146 -28.66 -20.49 -20.04
C SER B 146 -29.06 -20.78 -18.60
N GLY B 147 -28.19 -21.47 -17.87
CA GLY B 147 -28.54 -22.01 -16.56
C GLY B 147 -29.79 -22.89 -16.59
N ASN B 148 -30.19 -23.34 -17.76
CA ASN B 148 -31.46 -24.00 -17.89
C ASN B 148 -31.36 -25.52 -17.61
N GLU B 149 -31.41 -25.89 -16.35
CA GLU B 149 -31.24 -27.29 -15.96
C GLU B 149 -32.30 -28.19 -16.59
N ASP B 150 -33.52 -27.67 -16.78
CA ASP B 150 -34.60 -28.51 -17.25
C ASP B 150 -34.34 -28.83 -18.69
N ARG B 151 -33.99 -27.82 -19.48
CA ARG B 151 -33.70 -28.02 -20.92
C ARG B 151 -32.51 -28.98 -21.16
N GLY B 152 -31.58 -28.98 -20.20
CA GLY B 152 -30.46 -29.92 -20.16
C GLY B 152 -29.08 -29.34 -20.44
N ILE B 153 -28.17 -30.25 -20.77
CA ILE B 153 -26.80 -29.92 -21.11
C ILE B 153 -26.65 -29.51 -22.56
N CYS B 154 -26.34 -28.26 -22.79
CA CYS B 154 -26.09 -27.76 -24.14
C CYS B 154 -24.73 -28.18 -24.60
N GLY B 155 -24.69 -28.92 -25.72
CA GLY B 155 -23.47 -29.45 -26.31
C GLY B 155 -23.23 -28.78 -27.64
N LEU B 156 -21.98 -28.46 -27.93
CA LEU B 156 -21.60 -27.79 -29.17
C LEU B 156 -20.94 -28.81 -30.05
N PRO B 157 -21.19 -28.72 -31.36
CA PRO B 157 -20.63 -29.74 -32.25
C PRO B 157 -19.22 -29.34 -32.65
N PHE B 158 -18.33 -30.30 -32.50
CA PHE B 158 -16.98 -30.16 -32.97
C PHE B 158 -16.72 -31.33 -33.90
N THR B 159 -15.78 -31.16 -34.82
CA THR B 159 -15.39 -32.25 -35.69
C THR B 159 -14.10 -32.90 -35.25
N ARG B 160 -14.21 -34.15 -34.90
CA ARG B 160 -13.06 -34.96 -34.59
C ARG B 160 -12.29 -35.21 -35.88
N GLN B 161 -11.02 -34.81 -35.91
CA GLN B 161 -10.25 -34.87 -37.16
C GLN B 161 -9.73 -36.24 -37.51
N SER B 162 -9.60 -37.16 -36.58
CA SER B 162 -9.01 -38.44 -36.92
C SER B 162 -9.88 -39.14 -37.94
N ASP B 163 -11.18 -39.19 -37.68
CA ASP B 163 -12.10 -39.69 -38.68
C ASP B 163 -12.71 -38.38 -39.13
N ASN B 164 -14.00 -38.21 -39.21
CA ASN B 164 -14.50 -36.86 -39.48
C ASN B 164 -15.82 -36.68 -38.76
N GLN B 165 -15.90 -37.24 -37.56
CA GLN B 165 -17.16 -37.41 -36.90
C GLN B 165 -17.46 -36.18 -36.09
N THR B 166 -18.72 -35.79 -36.06
CA THR B 166 -19.17 -34.74 -35.20
C THR B 166 -19.26 -35.26 -33.76
N VAL B 167 -18.67 -34.49 -32.82
CA VAL B 167 -18.73 -34.80 -31.42
C VAL B 167 -19.31 -33.61 -30.71
N TYR B 168 -20.17 -33.87 -29.75
CA TYR B 168 -20.85 -32.82 -29.02
C TYR B 168 -20.14 -32.63 -27.69
N ILE B 169 -19.70 -31.40 -27.46
CA ILE B 169 -19.00 -31.09 -26.23
C ILE B 169 -19.74 -30.05 -25.41
N PRO B 170 -20.13 -30.41 -24.17
CA PRO B 170 -20.76 -29.41 -23.29
C PRO B 170 -20.07 -28.02 -23.33
N MET B 171 -20.85 -26.99 -23.61
CA MET B 171 -20.40 -25.61 -23.46
C MET B 171 -19.75 -25.40 -22.10
N ASN B 172 -20.29 -26.04 -21.07
CA ASN B 172 -19.81 -25.87 -19.72
C ASN B 172 -18.35 -26.29 -19.62
N ILE B 173 -18.01 -27.36 -20.33
CA ILE B 173 -16.66 -27.90 -20.28
C ILE B 173 -15.72 -27.04 -21.07
N ILE B 174 -16.18 -26.59 -22.23
CA ILE B 174 -15.45 -25.67 -23.06
C ILE B 174 -15.14 -24.38 -22.29
N GLY B 175 -16.16 -23.79 -21.67
CA GLY B 175 -16.03 -22.48 -21.06
C GLY B 175 -15.12 -22.50 -19.85
N ASN B 176 -15.14 -23.60 -19.11
CA ASN B 176 -14.33 -23.70 -17.91
C ASN B 176 -12.90 -24.09 -18.17
N LEU B 177 -12.65 -24.96 -19.13
CA LEU B 177 -11.31 -25.55 -19.28
C LEU B 177 -10.47 -24.93 -20.41
N TYR B 178 -11.12 -24.44 -21.46
CA TYR B 178 -10.38 -23.96 -22.60
C TYR B 178 -10.46 -22.49 -22.76
N VAL B 179 -11.45 -21.86 -22.15
CA VAL B 179 -11.61 -20.40 -22.28
C VAL B 179 -11.37 -19.91 -23.72
N SER B 180 -10.57 -18.87 -23.92
CA SER B 180 -10.33 -18.31 -25.26
C SER B 180 -9.22 -18.97 -26.08
N ASN B 181 -8.76 -20.15 -25.66
CA ASN B 181 -7.58 -20.78 -26.29
C ASN B 181 -7.94 -21.72 -27.42
N GLY B 182 -7.23 -21.55 -28.54
CA GLY B 182 -7.46 -22.29 -29.76
C GLY B 182 -8.51 -21.67 -30.67
N MET B 183 -8.67 -20.37 -30.61
CA MET B 183 -9.67 -19.65 -31.36
C MET B 183 -8.94 -18.75 -32.31
N SER B 184 -9.40 -18.67 -33.54
CA SER B 184 -8.89 -17.66 -34.47
C SER B 184 -9.85 -17.37 -35.62
N ALA B 185 -9.62 -16.21 -36.20
CA ALA B 185 -10.30 -15.83 -37.43
C ALA B 185 -9.32 -15.70 -38.60
N GLY B 186 -9.78 -15.84 -39.83
CA GLY B 186 -8.90 -15.68 -40.98
C GLY B 186 -9.69 -15.47 -42.24
N ASN B 187 -8.97 -15.50 -43.37
CA ASN B 187 -9.57 -15.21 -44.67
C ASN B 187 -10.16 -16.45 -45.29
N THR B 188 -9.59 -17.57 -44.97
CA THR B 188 -10.14 -18.79 -45.45
C THR B 188 -10.32 -19.64 -44.24
N ARG B 189 -11.10 -20.68 -44.40
CA ARG B 189 -11.32 -21.63 -43.36
C ARG B 189 -10.00 -22.20 -42.84
N ASN B 190 -9.15 -22.68 -43.73
CA ASN B 190 -7.86 -23.27 -43.34
C ASN B 190 -6.86 -22.31 -42.76
N GLU B 191 -6.95 -21.07 -43.20
CA GLU B 191 -6.06 -20.10 -42.69
C GLU B 191 -6.35 -19.87 -41.20
N ALA B 192 -7.63 -19.81 -40.87
CA ALA B 192 -8.05 -19.71 -39.47
C ALA B 192 -7.63 -20.95 -38.70
N ARG B 193 -7.83 -22.13 -39.27
CA ARG B 193 -7.37 -23.36 -38.64
C ARG B 193 -5.88 -23.39 -38.32
N VAL B 194 -5.08 -22.90 -39.22
CA VAL B 194 -3.68 -22.91 -39.00
C VAL B 194 -3.32 -22.03 -37.82
N GLN B 195 -4.00 -20.91 -37.73
CA GLN B 195 -3.70 -19.97 -36.66
C GLN B 195 -4.16 -20.56 -35.34
N GLY B 196 -5.31 -21.23 -35.35
CA GLY B 196 -5.84 -21.89 -34.16
C GLY B 196 -4.90 -22.94 -33.63
N LEU B 197 -4.43 -23.78 -34.53
CA LEU B 197 -3.47 -24.81 -34.20
C LEU B 197 -2.16 -24.21 -33.72
N SER B 198 -1.73 -23.13 -34.36
CA SER B 198 -0.47 -22.49 -33.96
C SER B 198 -0.57 -22.00 -32.52
N GLU B 199 -1.69 -21.39 -32.22
CA GLU B 199 -1.97 -20.93 -30.91
C GLU B 199 -1.98 -22.08 -29.91
N VAL B 200 -2.53 -23.24 -30.27
CA VAL B 200 -2.50 -24.35 -29.30
C VAL B 200 -1.04 -24.62 -28.95
N PHE B 201 -0.17 -24.67 -29.95
CA PHE B 201 1.23 -24.92 -29.73
C PHE B 201 1.86 -23.82 -28.93
N GLU B 202 1.56 -22.58 -29.27
CA GLU B 202 2.05 -21.44 -28.46
C GLU B 202 1.84 -21.66 -26.98
N ARG B 203 0.60 -21.94 -26.58
CA ARG B 203 0.27 -22.04 -25.15
C ARG B 203 0.77 -23.34 -24.52
N TYR B 204 0.79 -24.43 -25.27
CA TYR B 204 1.27 -25.69 -24.75
C TYR B 204 2.74 -25.64 -24.52
N VAL B 205 3.47 -25.14 -25.50
CA VAL B 205 4.92 -25.08 -25.36
C VAL B 205 5.33 -24.05 -24.29
N LYS B 206 4.58 -22.96 -24.24
CA LYS B 206 4.78 -21.96 -23.23
C LYS B 206 4.76 -22.64 -21.86
N ASN B 207 3.73 -23.42 -21.62
CA ASN B 207 3.60 -24.01 -20.34
C ASN B 207 4.71 -24.95 -20.05
N ARG B 208 5.19 -25.66 -21.06
CA ARG B 208 6.29 -26.58 -20.78
C ARG B 208 7.55 -25.83 -20.42
N ILE B 209 7.87 -24.83 -21.22
CA ILE B 209 9.07 -24.07 -20.97
C ILE B 209 9.09 -23.55 -19.53
N ILE B 210 7.99 -22.95 -19.15
CA ILE B 210 7.90 -22.34 -17.84
C ILE B 210 7.90 -23.40 -16.74
N ALA B 211 7.00 -24.36 -16.84
CA ALA B 211 6.81 -25.30 -15.76
C ALA B 211 7.98 -26.21 -15.55
N GLU B 212 8.70 -26.51 -16.61
CA GLU B 212 9.89 -27.37 -16.51
C GLU B 212 11.17 -26.55 -16.37
N SER B 213 11.07 -25.25 -16.17
CA SER B 213 12.32 -24.49 -15.99
C SER B 213 13.38 -24.72 -17.10
N ILE B 214 12.95 -24.71 -18.33
CA ILE B 214 13.84 -25.05 -19.43
C ILE B 214 14.75 -23.89 -19.77
N SER B 215 16.05 -24.15 -19.93
CA SER B 215 16.98 -23.17 -20.49
C SER B 215 16.91 -23.21 -22.01
N LEU B 216 16.54 -22.12 -22.65
CA LEU B 216 16.39 -22.16 -24.08
C LEU B 216 17.62 -21.60 -24.82
N PRO B 217 17.80 -22.03 -26.07
CA PRO B 217 18.89 -21.57 -26.90
C PRO B 217 18.57 -20.22 -27.49
N GLU B 218 19.55 -19.31 -27.44
CA GLU B 218 19.37 -18.01 -28.04
C GLU B 218 19.29 -18.13 -29.53
N ILE B 219 18.57 -17.20 -30.15
CA ILE B 219 18.61 -17.08 -31.60
C ILE B 219 19.90 -16.40 -31.99
N PRO B 220 20.70 -17.04 -32.87
CA PRO B 220 21.99 -16.45 -33.26
C PRO B 220 21.78 -15.17 -34.05
N ALA B 221 22.72 -14.23 -33.91
CA ALA B 221 22.59 -12.88 -34.49
C ALA B 221 22.48 -12.84 -36.01
N ASP B 222 23.12 -13.80 -36.65
CA ASP B 222 22.99 -13.96 -38.10
C ASP B 222 21.57 -14.40 -38.55
N VAL B 223 20.81 -15.06 -37.68
CA VAL B 223 19.41 -15.40 -38.00
C VAL B 223 18.55 -14.17 -37.74
N LEU B 224 18.78 -13.53 -36.61
CA LEU B 224 18.03 -12.31 -36.31
C LEU B 224 18.13 -11.31 -37.45
N ALA B 225 19.32 -11.21 -38.02
CA ALA B 225 19.60 -10.22 -39.02
C ALA B 225 18.82 -10.48 -40.34
N ARG B 226 18.25 -11.65 -40.55
CA ARG B 226 17.24 -11.81 -41.61
C ARG B 226 15.95 -10.97 -41.41
N TYR B 227 15.82 -10.36 -40.24
CA TYR B 227 14.59 -9.70 -39.81
C TYR B 227 14.93 -8.34 -39.19
N PRO B 228 15.41 -7.38 -40.02
CA PRO B 228 15.87 -6.08 -39.49
C PRO B 228 14.79 -5.28 -38.74
N ALA B 229 13.53 -5.48 -39.10
CA ALA B 229 12.44 -4.72 -38.43
C ALA B 229 12.35 -5.09 -36.95
N VAL B 230 12.39 -6.38 -36.68
CA VAL B 230 12.41 -6.92 -35.33
C VAL B 230 13.70 -6.51 -34.63
N VAL B 231 14.82 -6.67 -35.30
CA VAL B 231 16.09 -6.25 -34.72
C VAL B 231 16.01 -4.79 -34.24
N GLU B 232 15.43 -3.94 -35.06
CA GLU B 232 15.41 -2.54 -34.73
C GLU B 232 14.53 -2.33 -33.51
N ALA B 233 13.41 -3.06 -33.49
CA ALA B 233 12.54 -3.02 -32.31
C ALA B 233 13.30 -3.44 -31.08
N ILE B 234 14.02 -4.55 -31.19
CA ILE B 234 14.78 -5.05 -30.07
C ILE B 234 15.81 -4.05 -29.61
N GLU B 235 16.58 -3.53 -30.55
CA GLU B 235 17.66 -2.63 -30.18
C GLU B 235 17.19 -1.36 -29.54
N THR B 236 16.03 -0.89 -29.98
CA THR B 236 15.45 0.29 -29.36
C THR B 236 15.10 -0.03 -27.89
N LEU B 237 14.48 -1.20 -27.65
CA LEU B 237 14.14 -1.57 -26.28
C LEU B 237 15.38 -1.62 -25.37
N GLU B 238 16.47 -2.17 -25.90
CA GLU B 238 17.73 -2.23 -25.18
C GLU B 238 18.16 -0.82 -24.89
N ALA B 239 18.15 0.00 -25.94
CA ALA B 239 18.55 1.39 -25.84
C ALA B 239 17.70 2.14 -24.81
N GLU B 240 16.46 1.74 -24.64
CA GLU B 240 15.63 2.40 -23.64
C GLU B 240 15.79 1.84 -22.25
N GLY B 241 16.79 0.99 -22.03
CA GLY B 241 17.03 0.40 -20.70
C GLY B 241 16.44 -0.98 -20.45
N PHE B 242 16.06 -1.72 -21.51
CA PHE B 242 15.37 -3.02 -21.39
C PHE B 242 16.05 -4.17 -22.12
N PRO B 243 16.91 -4.89 -21.43
CA PRO B 243 17.57 -6.02 -22.06
C PRO B 243 16.60 -7.03 -22.60
N ILE B 244 16.86 -7.55 -23.78
CA ILE B 244 16.00 -8.54 -24.42
C ILE B 244 16.76 -9.84 -24.71
N PHE B 245 16.13 -10.96 -24.41
CA PHE B 245 16.62 -12.24 -24.82
C PHE B 245 15.65 -12.78 -25.86
N ALA B 246 16.19 -13.21 -26.99
CA ALA B 246 15.38 -13.81 -28.03
C ALA B 246 15.70 -15.28 -28.17
N TYR B 247 14.72 -16.15 -27.89
CA TYR B 247 14.97 -17.59 -27.81
C TYR B 247 14.17 -18.36 -28.82
N ASP B 248 14.74 -19.45 -29.30
CA ASP B 248 14.01 -20.44 -30.06
C ASP B 248 13.32 -21.32 -29.06
N GLY B 249 12.00 -21.39 -29.15
CA GLY B 249 11.18 -22.24 -28.27
C GLY B 249 10.70 -23.53 -28.89
N SER B 250 11.35 -23.98 -29.97
CA SER B 250 10.92 -25.19 -30.71
C SER B 250 11.21 -26.52 -30.01
N LEU B 251 12.08 -26.48 -29.00
CA LEU B 251 12.50 -27.66 -28.24
C LEU B 251 13.19 -28.66 -29.16
N GLY B 252 14.18 -28.11 -29.87
CA GLY B 252 14.92 -28.86 -30.84
C GLY B 252 14.14 -29.12 -32.11
N GLY B 253 13.46 -28.09 -32.60
CA GLY B 253 12.73 -28.17 -33.87
C GLY B 253 11.41 -28.90 -33.87
N GLN B 254 10.86 -29.27 -32.71
CA GLN B 254 9.55 -29.90 -32.64
C GLN B 254 8.36 -28.99 -32.94
N TYR B 255 8.39 -27.76 -32.44
CA TYR B 255 7.21 -26.92 -32.40
C TYR B 255 7.51 -25.56 -32.94
N PRO B 256 6.56 -24.95 -33.63
CA PRO B 256 6.84 -23.66 -34.25
C PRO B 256 6.68 -22.50 -33.31
N VAL B 257 7.56 -22.43 -32.31
CA VAL B 257 7.40 -21.44 -31.23
C VAL B 257 8.66 -20.65 -30.93
N ILE B 258 8.47 -19.35 -30.77
CA ILE B 258 9.49 -18.41 -30.30
C ILE B 258 9.19 -17.88 -28.88
N CYS B 259 10.26 -17.57 -28.15
CA CYS B 259 10.16 -16.91 -26.85
C CYS B 259 11.04 -15.67 -26.77
N VAL B 260 10.45 -14.57 -26.33
CA VAL B 260 11.19 -13.36 -26.14
C VAL B 260 10.97 -12.86 -24.72
N VAL B 261 12.06 -12.53 -24.05
CA VAL B 261 11.98 -12.09 -22.70
C VAL B 261 12.62 -10.74 -22.53
N LEU B 262 11.95 -9.92 -21.73
CA LEU B 262 12.37 -8.60 -21.44
C LEU B 262 12.72 -8.48 -19.96
N PHE B 263 13.81 -7.79 -19.67
CA PHE B 263 14.20 -7.46 -18.31
C PHE B 263 13.93 -6.01 -18.10
N ASN B 264 13.50 -5.69 -16.90
CA ASN B 264 13.35 -4.33 -16.47
C ASN B 264 14.24 -4.15 -15.26
N PRO B 265 15.46 -3.67 -15.48
CA PRO B 265 16.45 -3.53 -14.42
C PRO B 265 16.06 -2.56 -13.32
N ALA B 266 15.19 -1.62 -13.65
CA ALA B 266 14.71 -0.67 -12.65
C ALA B 266 14.07 -1.34 -11.45
N ASN B 267 13.53 -2.52 -11.62
CA ASN B 267 12.90 -3.16 -10.49
C ASN B 267 13.17 -4.65 -10.40
N GLY B 268 14.01 -5.17 -11.28
CA GLY B 268 14.57 -6.51 -11.15
C GLY B 268 13.65 -7.60 -11.62
N THR B 269 12.85 -7.30 -12.63
CA THR B 269 11.77 -8.18 -13.04
C THR B 269 12.03 -8.63 -14.40
N CYS B 270 11.27 -9.64 -14.81
CA CYS B 270 11.27 -10.13 -16.19
C CYS B 270 9.88 -10.40 -16.71
N PHE B 271 9.74 -10.42 -18.02
CA PHE B 271 8.44 -10.57 -18.67
C PHE B 271 8.62 -11.39 -19.92
N ALA B 272 7.99 -12.55 -19.96
CA ALA B 272 8.19 -13.49 -21.05
C ALA B 272 7.04 -13.54 -22.02
N SER B 273 7.36 -13.46 -23.31
CA SER B 273 6.32 -13.45 -24.34
C SER B 273 6.57 -14.62 -25.23
N PHE B 274 5.50 -15.28 -25.64
CA PHE B 274 5.61 -16.47 -26.45
C PHE B 274 4.74 -16.27 -27.70
N GLY B 275 5.27 -16.58 -28.88
CA GLY B 275 4.49 -16.54 -30.12
C GLY B 275 4.68 -17.76 -30.96
N ALA B 276 3.68 -18.11 -31.77
CA ALA B 276 3.81 -19.25 -32.67
C ALA B 276 3.20 -18.98 -34.06
N HIS B 277 3.89 -19.48 -35.09
CA HIS B 277 3.45 -19.45 -36.48
C HIS B 277 4.36 -20.40 -37.30
N PRO B 278 3.84 -21.02 -38.37
CA PRO B 278 4.70 -21.91 -39.16
C PRO B 278 5.95 -21.25 -39.72
N ASP B 279 5.88 -19.97 -40.01
CA ASP B 279 7.02 -19.20 -40.44
C ASP B 279 7.82 -18.58 -39.26
N PHE B 280 9.06 -18.99 -39.16
CA PHE B 280 9.92 -18.55 -38.10
C PHE B 280 9.93 -17.02 -37.97
N GLY B 281 10.07 -16.32 -39.08
CA GLY B 281 10.13 -14.87 -39.03
C GLY B 281 8.84 -14.29 -38.46
N VAL B 282 7.73 -14.86 -38.84
CA VAL B 282 6.47 -14.33 -38.45
C VAL B 282 6.25 -14.66 -36.97
N ALA B 283 6.52 -15.89 -36.56
CA ALA B 283 6.49 -16.23 -35.14
C ALA B 283 7.33 -15.26 -34.33
N LEU B 284 8.54 -15.00 -34.76
CA LEU B 284 9.36 -14.04 -34.05
C LEU B 284 8.71 -12.67 -33.97
N GLU B 285 8.14 -12.18 -35.07
CA GLU B 285 7.59 -10.82 -35.04
C GLU B 285 6.39 -10.73 -34.09
N ARG B 286 5.54 -11.73 -34.21
CA ARG B 286 4.39 -11.81 -33.37
C ARG B 286 4.76 -11.84 -31.91
N THR B 287 5.83 -12.53 -31.55
CA THR B 287 6.21 -12.64 -30.17
C THR B 287 6.64 -11.30 -29.65
N VAL B 288 7.43 -10.60 -30.44
CA VAL B 288 7.86 -9.25 -30.04
C VAL B 288 6.70 -8.24 -30.01
N THR B 289 5.75 -8.37 -30.90
CA THR B 289 4.65 -7.41 -30.95
C THR B 289 3.65 -7.61 -29.83
N GLU B 290 3.46 -8.86 -29.43
CA GLU B 290 2.66 -9.21 -28.25
C GLU B 290 3.32 -8.71 -26.98
N LEU B 291 4.63 -8.78 -26.90
CA LEU B 291 5.31 -8.34 -25.71
C LEU B 291 4.81 -6.97 -25.34
N LEU B 292 4.70 -6.07 -26.30
CA LEU B 292 4.42 -4.66 -26.01
C LEU B 292 2.99 -4.27 -26.31
N GLN B 293 2.17 -5.27 -26.55
CA GLN B 293 0.80 -5.03 -26.78
C GLN B 293 0.07 -4.49 -25.57
N GLY B 294 -0.64 -3.39 -25.79
CA GLY B 294 -1.30 -2.67 -24.75
C GLY B 294 -0.34 -1.89 -23.88
N ARG B 295 0.96 -1.87 -24.18
CA ARG B 295 1.92 -1.29 -23.22
C ARG B 295 2.92 -0.35 -23.82
N GLY B 296 3.03 0.82 -23.23
CA GLY B 296 4.15 1.68 -23.55
C GLY B 296 5.30 1.37 -22.63
N LEU B 297 6.37 2.13 -22.79
CA LEU B 297 7.57 1.87 -22.04
C LEU B 297 7.45 2.23 -20.56
N LYS B 298 6.38 2.90 -20.16
CA LYS B 298 6.14 3.18 -18.76
C LYS B 298 5.25 2.13 -18.15
N ASP B 299 4.83 1.15 -18.94
CA ASP B 299 3.90 0.13 -18.44
C ASP B 299 4.53 -1.22 -18.20
N LEU B 300 5.85 -1.26 -18.18
CA LEU B 300 6.62 -2.48 -18.07
C LEU B 300 7.11 -2.70 -16.64
N ASP B 301 6.33 -2.25 -15.68
CA ASP B 301 6.77 -2.25 -14.29
C ASP B 301 5.88 -3.11 -13.39
N VAL B 302 5.08 -3.99 -13.98
CA VAL B 302 4.09 -4.74 -13.22
C VAL B 302 4.39 -6.24 -13.21
N PHE B 303 5.62 -6.62 -13.56
CA PHE B 303 5.99 -8.02 -13.70
C PHE B 303 6.77 -8.52 -12.53
N THR B 304 7.32 -9.73 -12.61
CA THR B 304 7.93 -10.29 -11.41
C THR B 304 9.38 -10.64 -11.65
N PRO B 305 10.17 -10.61 -10.58
CA PRO B 305 11.54 -11.14 -10.66
C PRO B 305 11.57 -12.62 -10.86
N PRO B 306 12.56 -13.10 -11.59
CA PRO B 306 12.76 -14.53 -11.66
C PRO B 306 13.04 -15.12 -10.30
N THR B 307 13.06 -16.44 -10.25
CA THR B 307 13.14 -17.15 -9.03
C THR B 307 13.88 -18.43 -9.20
N PHE B 308 14.46 -18.93 -8.10
CA PHE B 308 15.00 -20.30 -8.06
C PHE B 308 14.01 -21.34 -7.51
N ASP B 309 12.81 -20.94 -7.09
CA ASP B 309 11.90 -21.90 -6.54
C ASP B 309 11.08 -22.55 -7.66
N ASP B 310 11.61 -23.66 -8.17
CA ASP B 310 11.03 -24.30 -9.34
C ASP B 310 9.68 -24.94 -9.12
N GLU B 311 9.49 -25.44 -7.91
CA GLU B 311 8.25 -25.98 -7.46
C GLU B 311 7.13 -24.90 -7.61
N GLU B 312 7.39 -23.66 -7.19
CA GLU B 312 6.43 -22.60 -7.39
C GLU B 312 6.19 -22.23 -8.84
N VAL B 313 7.24 -22.25 -9.64
CA VAL B 313 7.11 -21.96 -11.06
C VAL B 313 6.21 -23.01 -11.75
N ALA B 314 6.30 -24.25 -11.28
CA ALA B 314 5.60 -25.37 -11.89
C ALA B 314 4.11 -25.45 -11.50
N GLU B 315 3.72 -24.79 -10.43
CA GLU B 315 2.37 -24.87 -9.97
C GLU B 315 1.40 -24.43 -11.03
N HIS B 316 0.35 -25.22 -11.23
CA HIS B 316 -0.62 -24.92 -12.26
C HIS B 316 -1.13 -23.50 -12.12
N THR B 317 -1.37 -23.03 -10.91
CA THR B 317 -1.85 -21.66 -10.78
C THR B 317 -0.87 -20.61 -11.34
N ASN B 318 0.41 -20.90 -11.29
CA ASN B 318 1.37 -19.98 -11.84
C ASN B 318 1.20 -19.95 -13.36
N LEU B 319 0.96 -21.12 -13.93
CA LEU B 319 0.70 -21.19 -15.36
C LEU B 319 -0.61 -20.48 -15.77
N GLU B 320 -1.66 -20.66 -14.97
CA GLU B 320 -2.90 -19.96 -15.17
C GLU B 320 -2.72 -18.45 -15.12
N THR B 321 -1.93 -17.98 -14.16
CA THR B 321 -1.59 -16.54 -14.11
C THR B 321 -0.90 -16.08 -15.35
N HIS B 322 0.04 -16.88 -15.80
CA HIS B 322 0.77 -16.57 -17.02
C HIS B 322 -0.16 -16.44 -18.21
N PHE B 323 -1.19 -17.28 -18.28
CA PHE B 323 -2.18 -17.17 -19.35
C PHE B 323 -2.99 -15.90 -19.19
N ILE B 324 -3.38 -15.59 -17.95
CA ILE B 324 -4.23 -14.46 -17.72
C ILE B 324 -3.53 -13.12 -17.96
N ASP B 325 -2.33 -12.91 -17.42
CA ASP B 325 -1.70 -11.58 -17.57
C ASP B 325 -0.19 -11.61 -17.73
N SER B 326 0.36 -12.78 -18.02
CA SER B 326 1.82 -12.93 -18.19
C SER B 326 2.70 -12.39 -17.03
N SER B 327 2.10 -12.26 -15.84
CA SER B 327 2.76 -11.75 -14.65
C SER B 327 3.17 -12.88 -13.67
N GLY B 328 3.31 -14.09 -14.19
CA GLY B 328 3.70 -15.23 -13.36
C GLY B 328 5.21 -15.29 -13.12
N LEU B 329 5.60 -16.28 -12.32
CA LEU B 329 7.00 -16.51 -12.01
C LEU B 329 7.67 -17.24 -13.16
N ILE B 330 8.89 -16.82 -13.45
CA ILE B 330 9.76 -17.50 -14.41
C ILE B 330 11.03 -18.00 -13.64
N SER B 331 11.51 -19.20 -13.95
CA SER B 331 12.75 -19.65 -13.34
C SER B 331 13.96 -18.86 -13.83
N TRP B 332 14.95 -18.66 -12.97
CA TRP B 332 16.24 -18.12 -13.43
C TRP B 332 16.86 -19.00 -14.52
N ASP B 333 16.51 -20.27 -14.56
CA ASP B 333 17.11 -21.19 -15.48
C ASP B 333 16.86 -20.88 -16.91
N LEU B 334 15.79 -20.17 -17.18
CA LEU B 334 15.48 -19.85 -18.55
C LEU B 334 16.64 -19.05 -19.17
N PHE B 335 17.40 -18.38 -18.31
CA PHE B 335 18.48 -17.51 -18.73
C PHE B 335 19.87 -18.07 -18.55
N LYS B 336 19.97 -19.40 -18.39
CA LYS B 336 21.30 -20.00 -18.25
C LYS B 336 22.13 -19.84 -19.51
N GLN B 337 23.44 -19.72 -19.32
CA GLN B 337 24.38 -19.76 -20.42
C GLN B 337 24.12 -20.96 -21.31
N ASP B 338 24.12 -22.15 -20.75
CA ASP B 338 23.94 -23.35 -21.56
C ASP B 338 22.48 -23.69 -21.75
N ALA B 339 22.09 -24.11 -22.94
CA ALA B 339 20.68 -24.42 -23.20
C ALA B 339 20.43 -25.90 -23.14
N ASP B 340 19.21 -26.29 -22.82
CA ASP B 340 18.79 -27.65 -22.78
C ASP B 340 18.42 -28.20 -24.17
N TYR B 341 18.49 -27.35 -25.20
CA TYR B 341 18.17 -27.76 -26.56
C TYR B 341 19.01 -26.95 -27.51
N PRO B 342 19.53 -27.58 -28.55
CA PRO B 342 20.21 -26.75 -29.55
C PRO B 342 19.22 -25.88 -30.31
N PHE B 343 19.71 -24.73 -30.73
CA PHE B 343 18.94 -23.93 -31.60
C PHE B 343 18.66 -24.68 -32.87
N VAL B 344 17.48 -24.53 -33.40
CA VAL B 344 17.17 -25.05 -34.71
C VAL B 344 16.60 -23.92 -35.55
N ASP B 345 17.12 -23.72 -36.76
CA ASP B 345 16.52 -22.72 -37.65
C ASP B 345 15.34 -23.33 -38.38
N TRP B 346 14.29 -23.59 -37.64
CA TRP B 346 13.18 -24.35 -38.12
C TRP B 346 12.31 -23.59 -39.09
N ASN B 347 11.41 -24.33 -39.71
CA ASN B 347 10.46 -23.73 -40.61
C ASN B 347 9.38 -24.70 -40.96
N PHE B 348 8.11 -24.34 -40.81
CA PHE B 348 7.02 -25.25 -41.13
C PHE B 348 6.10 -24.65 -42.19
N SER B 349 6.54 -23.55 -42.80
CA SER B 349 5.70 -22.80 -43.73
C SER B 349 5.47 -23.51 -45.05
N GLY B 350 4.48 -23.04 -45.80
CA GLY B 350 4.03 -23.61 -47.08
C GLY B 350 2.69 -22.99 -47.46
N THR B 351 1.92 -23.67 -48.29
CA THR B 351 0.56 -23.21 -48.50
C THR B 351 -0.20 -23.49 -47.25
N THR B 352 -1.24 -22.71 -47.04
CA THR B 352 -2.12 -22.92 -45.90
C THR B 352 -2.48 -24.42 -45.84
N GLU B 353 -2.68 -25.09 -46.97
CA GLU B 353 -3.07 -26.53 -46.95
C GLU B 353 -1.93 -27.39 -46.41
N GLU B 354 -0.71 -27.04 -46.81
CA GLU B 354 0.50 -27.69 -46.32
C GLU B 354 0.69 -27.45 -44.84
N GLU B 355 0.60 -26.18 -44.45
CA GLU B 355 0.76 -25.75 -43.09
C GLU B 355 -0.20 -26.55 -42.19
N PHE B 356 -1.45 -26.62 -42.60
CA PHE B 356 -2.46 -27.36 -41.81
C PHE B 356 -2.07 -28.83 -41.60
N ALA B 357 -1.61 -29.46 -42.65
CA ALA B 357 -1.21 -30.86 -42.61
C ALA B 357 0.05 -31.07 -41.77
N THR B 358 0.95 -30.10 -41.81
CA THR B 358 2.18 -30.18 -41.09
C THR B 358 1.89 -30.12 -39.57
N LEU B 359 1.02 -29.17 -39.20
CA LEU B 359 0.68 -29.02 -37.82
C LEU B 359 -0.14 -30.21 -37.38
N MET B 360 -1.07 -30.66 -38.19
CA MET B 360 -1.82 -31.88 -37.84
C MET B 360 -0.94 -33.11 -37.67
N ALA B 361 0.13 -33.20 -38.45
CA ALA B 361 1.05 -34.31 -38.33
C ALA B 361 1.74 -34.27 -36.98
N ILE B 362 2.02 -33.08 -36.48
CA ILE B 362 2.63 -33.03 -35.18
C ILE B 362 1.69 -33.62 -34.14
N PHE B 363 0.44 -33.20 -34.16
CA PHE B 363 -0.53 -33.73 -33.24
C PHE B 363 -0.64 -35.21 -33.43
N ASN B 364 -0.48 -35.70 -34.66
CA ASN B 364 -0.59 -37.15 -34.87
C ASN B 364 0.53 -37.94 -34.24
N LYS B 365 1.77 -37.44 -34.33
CA LYS B 365 2.89 -38.18 -33.70
C LYS B 365 2.80 -38.08 -32.19
N GLU B 366 2.15 -37.04 -31.68
CA GLU B 366 1.94 -36.96 -30.26
C GLU B 366 0.77 -37.86 -29.78
N ASP B 367 0.09 -38.56 -30.70
CA ASP B 367 -1.11 -39.34 -30.34
C ASP B 367 -2.16 -38.45 -29.67
N LYS B 368 -2.41 -37.26 -30.22
CA LYS B 368 -3.46 -36.38 -29.67
C LYS B 368 -4.56 -36.12 -30.67
N GLU B 369 -5.77 -36.35 -30.27
CA GLU B 369 -6.93 -36.08 -31.08
C GLU B 369 -7.14 -34.59 -31.13
N VAL B 370 -7.58 -34.09 -32.28
CA VAL B 370 -7.94 -32.70 -32.47
C VAL B 370 -9.42 -32.58 -32.81
N TYR B 371 -10.11 -31.67 -32.13
CA TYR B 371 -11.50 -31.34 -32.36
C TYR B 371 -11.61 -29.89 -32.79
N ILE B 372 -12.29 -29.69 -33.90
CA ILE B 372 -12.42 -28.38 -34.50
C ILE B 372 -13.85 -28.02 -34.84
N ALA B 373 -14.29 -26.84 -34.39
CA ALA B 373 -15.54 -26.24 -34.82
C ALA B 373 -15.21 -25.09 -35.72
N ASP B 374 -15.91 -24.95 -36.84
CA ASP B 374 -15.70 -23.81 -37.79
C ASP B 374 -16.94 -22.93 -37.91
N TYR B 375 -16.75 -21.62 -38.08
CA TYR B 375 -17.88 -20.69 -38.05
C TYR B 375 -17.69 -19.73 -39.20
N GLU B 376 -18.76 -19.57 -39.99
CA GLU B 376 -18.77 -18.67 -41.15
C GLU B 376 -19.76 -17.55 -40.97
N HIS B 377 -20.64 -17.71 -39.98
CA HIS B 377 -21.92 -17.00 -39.92
C HIS B 377 -21.87 -15.48 -39.77
N LEU B 378 -20.72 -14.89 -39.49
CA LEU B 378 -20.60 -13.45 -39.52
C LEU B 378 -19.87 -12.98 -40.75
N GLY B 379 -19.69 -13.92 -41.69
CA GLY B 379 -19.02 -13.65 -42.96
C GLY B 379 -17.50 -13.54 -42.91
N VAL B 380 -16.91 -13.97 -41.79
CA VAL B 380 -15.49 -14.17 -41.66
C VAL B 380 -15.28 -15.57 -41.13
N TYR B 381 -14.28 -16.26 -41.61
CA TYR B 381 -14.04 -17.61 -41.11
C TYR B 381 -13.36 -17.55 -39.75
N ALA B 382 -13.81 -18.43 -38.87
CA ALA B 382 -13.29 -18.49 -37.53
C ALA B 382 -13.34 -19.93 -37.04
N CYS B 383 -12.46 -20.29 -36.13
CA CYS B 383 -12.52 -21.64 -35.54
C CYS B 383 -12.25 -21.63 -34.06
N ARG B 384 -12.64 -22.74 -33.45
CA ARG B 384 -12.33 -23.02 -32.08
C ARG B 384 -11.83 -24.43 -32.09
N ILE B 385 -10.65 -24.63 -31.51
CA ILE B 385 -9.99 -25.92 -31.55
C ILE B 385 -9.69 -26.43 -30.16
N ILE B 386 -9.99 -27.70 -29.95
CA ILE B 386 -9.72 -28.33 -28.67
C ILE B 386 -8.85 -29.55 -28.83
N VAL B 387 -7.76 -29.59 -28.09
CA VAL B 387 -6.83 -30.70 -28.12
C VAL B 387 -6.60 -31.13 -26.69
N PRO B 388 -7.49 -31.99 -26.20
CA PRO B 388 -7.41 -32.37 -24.81
C PRO B 388 -6.03 -32.92 -24.52
N GLY B 389 -5.42 -32.48 -23.42
CA GLY B 389 -4.04 -32.76 -23.10
C GLY B 389 -3.04 -31.76 -23.63
N MET B 390 -3.49 -30.76 -24.39
CA MET B 390 -2.58 -29.79 -24.91
C MET B 390 -3.17 -28.39 -24.92
N SER B 391 -4.41 -28.26 -25.38
CA SER B 391 -5.04 -26.95 -25.44
C SER B 391 -5.71 -26.50 -24.13
N ASP B 392 -5.83 -27.39 -23.13
CA ASP B 392 -6.47 -27.06 -21.83
C ASP B 392 -5.73 -25.90 -21.13
N ILE B 393 -6.47 -24.94 -20.62
CA ILE B 393 -5.89 -23.93 -19.76
C ILE B 393 -6.10 -24.31 -18.27
N TYR B 394 -7.22 -24.92 -17.92
CA TYR B 394 -7.51 -25.25 -16.53
C TYR B 394 -7.66 -26.73 -16.48
N PRO B 395 -7.27 -27.40 -15.36
CA PRO B 395 -7.30 -28.89 -15.32
C PRO B 395 -8.69 -29.40 -15.07
N ALA B 396 -8.95 -30.64 -15.43
CA ALA B 396 -10.31 -31.18 -15.47
C ALA B 396 -11.01 -31.19 -14.12
N GLU B 397 -10.25 -31.32 -13.03
CA GLU B 397 -10.85 -31.23 -11.70
C GLU B 397 -11.58 -29.90 -11.44
N ASP B 398 -11.24 -28.83 -12.15
CA ASP B 398 -12.00 -27.57 -12.02
C ASP B 398 -13.50 -27.69 -12.34
N LEU B 399 -13.90 -28.76 -12.98
CA LEU B 399 -15.32 -28.97 -13.23
C LEU B 399 -16.06 -29.28 -11.92
N TRP B 400 -15.30 -29.77 -10.93
CA TRP B 400 -15.76 -29.96 -9.55
C TRP B 400 -15.43 -28.77 -8.68
N LEU B 401 -14.22 -28.30 -8.74
CA LEU B 401 -13.78 -27.35 -7.72
C LEU B 401 -14.02 -25.89 -8.08
N ALA B 402 -14.05 -25.56 -9.36
CA ALA B 402 -14.13 -24.17 -9.78
C ALA B 402 -14.97 -24.02 -11.04
N ASN B 403 -16.17 -24.58 -10.97
CA ASN B 403 -17.06 -24.54 -12.08
C ASN B 403 -17.83 -23.22 -12.02
N ASN B 404 -17.84 -22.52 -13.14
CA ASN B 404 -18.48 -21.22 -13.24
C ASN B 404 -20.00 -21.27 -13.29
N SER B 405 -20.56 -22.49 -13.25
CA SER B 405 -21.98 -22.72 -13.29
C SER B 405 -22.50 -22.98 -11.90
N MET B 406 -21.76 -23.76 -11.08
CA MET B 406 -21.96 -23.78 -9.61
C MET B 406 -22.28 -22.35 -9.22
N GLY B 407 -23.32 -22.16 -8.44
CA GLY B 407 -23.73 -20.78 -8.11
C GLY B 407 -24.97 -20.29 -8.83
N SER B 408 -25.41 -21.05 -9.83
CA SER B 408 -26.59 -20.70 -10.57
C SER B 408 -27.95 -21.18 -9.97
N HIS B 409 -28.04 -22.34 -9.30
CA HIS B 409 -29.29 -22.66 -8.52
C HIS B 409 -29.79 -21.52 -7.54
N LEU B 410 -28.83 -20.81 -6.90
CA LEU B 410 -29.07 -19.71 -5.96
C LEU B 410 -29.32 -18.34 -6.55
N ARG B 411 -29.21 -18.21 -7.86
CA ARG B 411 -29.32 -16.90 -8.47
C ARG B 411 -30.63 -16.22 -8.13
N GLU B 412 -31.72 -16.96 -8.21
CA GLU B 412 -33.03 -16.36 -8.05
C GLU B 412 -33.20 -15.85 -6.63
N THR B 413 -32.87 -16.73 -5.67
CA THR B 413 -32.89 -16.40 -4.25
C THR B 413 -32.17 -15.06 -4.03
N ILE B 414 -30.89 -15.02 -4.39
CA ILE B 414 -30.07 -13.84 -4.17
C ILE B 414 -30.59 -12.62 -4.91
N LEU B 415 -31.06 -12.80 -6.15
CA LEU B 415 -31.49 -11.61 -6.90
C LEU B 415 -32.70 -10.95 -6.27
N SER B 416 -33.39 -11.71 -5.42
CA SER B 416 -34.63 -11.29 -4.83
C SER B 416 -34.47 -10.87 -3.35
N LEU B 417 -33.26 -10.83 -2.81
CA LEU B 417 -33.06 -10.31 -1.46
C LEU B 417 -33.44 -8.82 -1.27
N PRO B 418 -33.04 -7.93 -2.17
CA PRO B 418 -33.54 -6.57 -2.00
C PRO B 418 -35.07 -6.53 -1.89
N GLY B 419 -35.59 -5.87 -0.87
CA GLY B 419 -37.03 -5.80 -0.69
C GLY B 419 -37.62 -7.08 -0.09
N SER B 420 -36.82 -8.07 0.25
CA SER B 420 -37.36 -9.40 0.52
C SER B 420 -38.40 -9.68 1.63
N GLU B 421 -38.16 -9.34 2.88
CA GLU B 421 -39.17 -9.67 3.94
C GLU B 421 -39.37 -11.16 4.34
N TRP B 422 -38.35 -11.98 4.31
CA TRP B 422 -38.52 -13.33 4.80
C TRP B 422 -38.47 -13.30 6.31
N GLU B 423 -38.61 -14.47 6.92
CA GLU B 423 -38.43 -14.55 8.33
C GLU B 423 -36.93 -14.57 8.63
N LYS B 424 -36.56 -14.01 9.78
CA LYS B 424 -35.16 -13.92 10.17
C LYS B 424 -34.40 -15.20 9.99
N GLU B 425 -34.99 -16.32 10.35
CA GLU B 425 -34.27 -17.57 10.22
C GLU B 425 -33.83 -17.88 8.77
N ASP B 426 -34.65 -17.51 7.81
CA ASP B 426 -34.35 -17.83 6.42
C ASP B 426 -33.04 -17.23 5.96
N TYR B 427 -32.88 -15.93 6.24
CA TYR B 427 -31.68 -15.20 5.94
C TYR B 427 -30.43 -15.81 6.59
N LEU B 428 -30.53 -16.26 7.83
CA LEU B 428 -29.37 -16.88 8.47
C LEU B 428 -29.06 -18.23 7.90
N ASN B 429 -30.08 -18.94 7.43
CA ASN B 429 -29.83 -20.24 6.79
C ASN B 429 -29.09 -20.07 5.47
N LEU B 430 -29.39 -18.97 4.81
CA LEU B 430 -28.70 -18.68 3.59
C LEU B 430 -27.20 -18.49 3.85
N ILE B 431 -26.82 -17.82 4.91
CA ILE B 431 -25.41 -17.79 5.29
C ILE B 431 -24.86 -19.22 5.39
N GLU B 432 -25.58 -20.09 6.08
CA GLU B 432 -25.10 -21.45 6.19
C GLU B 432 -25.01 -22.13 4.83
N GLN B 433 -26.00 -21.89 3.95
CA GLN B 433 -25.98 -22.55 2.61
C GLN B 433 -24.70 -22.12 1.86
N LEU B 434 -24.45 -20.82 1.81
CA LEU B 434 -23.27 -20.33 1.15
C LEU B 434 -22.02 -20.98 1.67
N ASP B 435 -21.99 -21.34 2.95
CA ASP B 435 -20.80 -22.03 3.50
C ASP B 435 -20.75 -23.52 3.18
N GLU B 436 -21.91 -24.18 3.22
CA GLU B 436 -21.98 -25.59 2.82
C GLU B 436 -21.53 -25.71 1.37
N GLU B 437 -22.03 -24.85 0.49
CA GLU B 437 -21.65 -24.88 -0.92
C GLU B 437 -20.24 -24.40 -1.25
N GLY B 438 -19.53 -23.93 -0.23
CA GLY B 438 -18.10 -23.68 -0.32
C GLY B 438 -17.64 -22.42 -1.04
N PHE B 439 -18.53 -21.45 -1.25
CA PHE B 439 -18.11 -20.24 -1.92
C PHE B 439 -17.05 -19.47 -1.14
N ASP B 440 -16.01 -19.01 -1.83
CA ASP B 440 -14.98 -18.15 -1.24
C ASP B 440 -15.58 -16.80 -0.87
N ASP B 441 -15.24 -16.32 0.32
CA ASP B 441 -15.76 -15.07 0.81
C ASP B 441 -15.41 -13.90 -0.11
N PHE B 442 -14.30 -14.02 -0.84
CA PHE B 442 -13.90 -12.95 -1.76
C PHE B 442 -14.54 -13.01 -3.14
N THR B 443 -15.29 -14.04 -3.44
CA THR B 443 -15.87 -14.15 -4.76
C THR B 443 -16.83 -13.01 -4.97
N ARG B 444 -16.62 -12.25 -6.02
CA ARG B 444 -17.63 -11.26 -6.43
C ARG B 444 -18.93 -11.97 -6.86
N VAL B 445 -20.04 -11.47 -6.34
CA VAL B 445 -21.31 -12.14 -6.54
C VAL B 445 -21.72 -12.02 -7.99
N ARG B 446 -21.43 -10.87 -8.59
CA ARG B 446 -21.71 -10.69 -10.01
C ARG B 446 -21.01 -11.75 -10.91
N GLU B 447 -19.81 -12.20 -10.52
CA GLU B 447 -19.08 -13.20 -11.31
C GLU B 447 -19.67 -14.52 -11.05
N LEU B 448 -20.06 -14.76 -9.81
CA LEU B 448 -20.64 -16.03 -9.45
C LEU B 448 -21.99 -16.29 -10.18
N LEU B 449 -22.74 -15.23 -10.43
CA LEU B 449 -24.09 -15.34 -10.98
C LEU B 449 -24.14 -14.92 -12.43
N GLY B 450 -23.08 -14.27 -12.89
CA GLY B 450 -22.99 -13.88 -14.28
C GLY B 450 -23.76 -12.62 -14.63
N LEU B 451 -23.53 -11.54 -13.89
CA LEU B 451 -24.26 -10.32 -14.08
C LEU B 451 -23.35 -9.20 -14.47
N ALA B 452 -23.77 -8.53 -15.51
CA ALA B 452 -23.23 -7.26 -15.90
C ALA B 452 -23.95 -6.14 -15.16
N THR B 453 -23.35 -5.68 -14.06
CA THR B 453 -24.02 -4.75 -13.18
C THR B 453 -23.92 -3.29 -13.58
N GLY B 454 -22.83 -2.89 -14.19
CA GLY B 454 -22.49 -1.48 -14.26
C GLY B 454 -21.78 -1.11 -12.97
N SER B 455 -21.16 0.06 -12.93
CA SER B 455 -20.32 0.47 -11.82
C SER B 455 -21.00 1.28 -10.75
N ASP B 456 -22.21 1.71 -11.01
CA ASP B 456 -22.86 2.66 -10.12
C ASP B 456 -23.95 1.98 -9.28
N ASN B 457 -23.62 0.83 -8.70
CA ASN B 457 -24.47 0.24 -7.69
C ASN B 457 -23.69 -0.71 -6.78
N GLY B 458 -24.35 -1.24 -5.76
CA GLY B 458 -23.69 -2.03 -4.79
C GLY B 458 -23.35 -3.41 -5.29
N TRP B 459 -24.10 -3.87 -6.29
CA TRP B 459 -23.83 -5.19 -6.89
C TRP B 459 -22.43 -5.26 -7.55
N TYR B 460 -21.99 -4.15 -8.11
CA TYR B 460 -20.70 -4.11 -8.73
C TYR B 460 -19.58 -4.62 -7.82
N THR B 461 -19.67 -4.28 -6.52
CA THR B 461 -18.59 -4.49 -5.58
C THR B 461 -18.93 -5.54 -4.49
N LEU B 462 -20.07 -6.21 -4.68
CA LEU B 462 -20.57 -7.15 -3.70
C LEU B 462 -19.84 -8.46 -3.72
N ARG B 463 -19.10 -8.76 -2.67
CA ARG B 463 -18.51 -10.07 -2.56
C ARG B 463 -19.29 -10.88 -1.56
N ILE B 464 -19.07 -12.19 -1.54
CA ILE B 464 -19.78 -13.10 -0.66
C ILE B 464 -19.71 -12.67 0.80
N GLY B 465 -18.54 -12.22 1.24
CA GLY B 465 -18.39 -11.77 2.61
C GLY B 465 -19.34 -10.62 2.93
N GLU B 466 -19.45 -9.67 2.02
CA GLU B 466 -20.34 -8.53 2.25
C GLU B 466 -21.79 -9.00 2.30
N LEU B 467 -22.12 -9.96 1.46
CA LEU B 467 -23.43 -10.51 1.41
C LEU B 467 -23.79 -11.18 2.69
N LYS B 468 -22.85 -11.90 3.27
CA LYS B 468 -23.09 -12.46 4.60
C LYS B 468 -23.39 -11.38 5.63
N ALA B 469 -22.69 -10.27 5.55
CA ALA B 469 -22.99 -9.18 6.46
C ALA B 469 -24.43 -8.73 6.32
N MET B 470 -24.93 -8.65 5.09
CA MET B 470 -26.28 -8.16 4.87
C MET B 470 -27.28 -9.16 5.33
N LEU B 471 -26.95 -10.41 5.16
CA LEU B 471 -27.81 -11.48 5.57
C LEU B 471 -27.90 -11.57 7.08
N ALA B 472 -26.78 -11.32 7.75
CA ALA B 472 -26.73 -11.33 9.23
C ALA B 472 -27.56 -10.18 9.79
N LEU B 473 -27.43 -9.01 9.15
CA LEU B 473 -28.26 -7.88 9.48
C LEU B 473 -29.72 -8.19 9.28
N ALA B 474 -30.09 -8.77 8.15
CA ALA B 474 -31.52 -9.02 7.93
C ALA B 474 -32.03 -10.11 8.86
N GLY B 475 -31.14 -11.02 9.23
CA GLY B 475 -31.49 -12.09 10.15
C GLY B 475 -31.32 -11.77 11.63
N GLY B 476 -30.96 -10.52 11.93
CA GLY B 476 -30.81 -10.05 13.29
C GLY B 476 -29.74 -10.77 14.08
N ASP B 477 -28.63 -11.14 13.45
CA ASP B 477 -27.50 -11.64 14.21
C ASP B 477 -26.38 -10.61 14.09
N LEU B 478 -26.27 -9.76 15.10
CA LEU B 478 -25.34 -8.62 15.05
C LEU B 478 -23.90 -8.99 15.40
N GLU B 479 -23.68 -10.17 15.97
CA GLU B 479 -22.32 -10.59 16.27
C GLU B 479 -21.72 -10.93 14.92
N GLN B 480 -22.47 -11.70 14.13
CA GLN B 480 -22.05 -12.04 12.77
C GLN B 480 -22.02 -10.81 11.87
N ALA B 481 -23.03 -9.98 11.97
CA ALA B 481 -23.06 -8.82 11.14
C ALA B 481 -21.78 -7.98 11.33
N LEU B 482 -21.28 -7.93 12.56
CA LEU B 482 -20.07 -7.14 12.83
C LEU B 482 -18.86 -7.78 12.23
N VAL B 483 -18.81 -9.10 12.33
CA VAL B 483 -17.67 -9.82 11.78
C VAL B 483 -17.51 -9.53 10.30
N TRP B 484 -18.64 -9.63 9.57
CA TRP B 484 -18.66 -9.48 8.12
C TRP B 484 -18.58 -8.04 7.65
N THR B 485 -19.17 -7.15 8.42
CA THR B 485 -19.03 -5.73 8.18
C THR B 485 -17.58 -5.29 8.35
N GLU B 486 -16.87 -5.79 9.36
CA GLU B 486 -15.41 -5.55 9.48
C GLU B 486 -14.69 -6.07 8.29
N TRP B 487 -14.99 -7.33 7.94
CA TRP B 487 -14.40 -7.98 6.77
C TRP B 487 -14.63 -7.11 5.54
N THR B 488 -15.83 -6.60 5.38
CA THR B 488 -16.17 -5.83 4.23
C THR B 488 -15.35 -4.56 4.18
N MET B 489 -15.33 -3.83 5.29
CA MET B 489 -14.52 -2.60 5.38
C MET B 489 -13.05 -2.92 5.12
N GLU B 490 -12.54 -4.02 5.69
CA GLU B 490 -11.15 -4.33 5.48
C GLU B 490 -10.78 -4.62 4.02
N PHE B 491 -11.65 -5.28 3.28
CA PHE B 491 -11.30 -5.74 1.94
C PHE B 491 -11.99 -5.02 0.79
N ASN B 492 -12.73 -3.94 1.05
CA ASN B 492 -13.51 -3.23 0.00
C ASN B 492 -13.66 -1.71 0.11
N SER B 493 -13.36 -1.10 1.25
CA SER B 493 -13.52 0.37 1.34
C SER B 493 -12.78 1.12 0.23
N SER B 494 -11.56 0.64 -0.08
CA SER B 494 -10.80 0.98 -1.28
C SER B 494 -11.72 1.29 -2.47
N VAL B 495 -12.48 0.30 -2.96
CA VAL B 495 -13.29 0.42 -4.19
C VAL B 495 -14.67 1.00 -4.09
N PHE B 496 -15.21 1.07 -2.89
CA PHE B 496 -16.53 1.63 -2.72
C PHE B 496 -16.53 3.07 -3.11
N SER B 497 -17.64 3.55 -3.66
CA SER B 497 -17.88 4.97 -3.76
C SER B 497 -17.75 5.57 -2.36
N PRO B 498 -17.41 6.83 -2.29
CA PRO B 498 -17.38 7.50 -1.00
C PRO B 498 -18.68 7.41 -0.20
N GLU B 499 -19.82 7.44 -0.87
CA GLU B 499 -21.09 7.34 -0.17
C GLU B 499 -21.19 5.94 0.42
N ARG B 500 -20.86 4.91 -0.33
CA ARG B 500 -20.98 3.54 0.18
C ARG B 500 -20.01 3.21 1.31
N ALA B 501 -18.83 3.83 1.26
CA ALA B 501 -17.80 3.63 2.24
C ALA B 501 -18.17 4.32 3.53
N ASN B 502 -18.74 5.51 3.41
CA ASN B 502 -19.23 6.23 4.56
C ASN B 502 -20.33 5.46 5.27
N TYR B 503 -21.27 4.91 4.51
CA TYR B 503 -22.33 4.07 5.07
C TYR B 503 -21.73 2.91 5.86
N TYR B 504 -20.74 2.21 5.32
CA TYR B 504 -20.20 1.05 6.03
C TYR B 504 -19.41 1.47 7.24
N ARG B 505 -18.81 2.64 7.18
CA ARG B 505 -18.00 3.12 8.28
C ARG B 505 -18.92 3.45 9.44
N CYS B 506 -20.07 4.00 9.08
CA CYS B 506 -21.08 4.32 10.06
C CYS B 506 -21.60 3.06 10.69
N LEU B 507 -21.96 2.12 9.82
CA LEU B 507 -22.56 0.89 10.24
C LEU B 507 -21.65 0.11 11.16
N GLN B 508 -20.37 0.06 10.79
CA GLN B 508 -19.38 -0.63 11.58
C GLN B 508 -19.30 -0.01 12.96
N THR B 509 -19.23 1.31 13.01
CA THR B 509 -19.24 1.98 14.28
C THR B 509 -20.47 1.57 15.11
N LEU B 510 -21.65 1.55 14.50
CA LEU B 510 -22.84 1.17 15.23
C LEU B 510 -22.83 -0.28 15.70
N LEU B 511 -22.22 -1.17 14.93
CA LEU B 511 -22.19 -2.57 15.33
C LEU B 511 -21.20 -2.78 16.43
N LEU B 512 -20.12 -2.02 16.37
CA LEU B 512 -19.15 -2.01 17.47
C LEU B 512 -19.78 -1.50 18.75
N LEU B 513 -20.51 -0.41 18.63
CA LEU B 513 -21.18 0.15 19.79
C LEU B 513 -22.14 -0.85 20.38
N ALA B 514 -22.89 -1.58 19.56
CA ALA B 514 -23.87 -2.56 20.10
C ALA B 514 -23.22 -3.66 20.92
N GLN B 515 -21.93 -3.92 20.72
CA GLN B 515 -21.23 -4.88 21.55
C GLN B 515 -20.67 -4.28 22.85
N GLU B 516 -20.90 -2.99 23.08
CA GLU B 516 -20.38 -2.32 24.26
C GLU B 516 -21.40 -2.39 25.42
N GLU B 517 -21.11 -3.25 26.37
CA GLU B 517 -22.04 -3.61 27.43
C GLU B 517 -22.10 -2.52 28.48
N ASP B 518 -21.10 -1.67 28.53
CA ASP B 518 -21.05 -0.63 29.52
C ASP B 518 -21.29 0.71 28.88
N ARG B 519 -22.04 0.80 27.79
CA ARG B 519 -22.23 2.09 27.11
C ARG B 519 -23.66 2.24 26.60
N GLN B 520 -24.08 3.49 26.59
CA GLN B 520 -25.42 3.84 26.36
C GLN B 520 -25.43 4.53 25.01
N PRO B 521 -26.02 3.87 24.01
CA PRO B 521 -26.04 4.38 22.65
C PRO B 521 -26.54 5.80 22.44
N LEU B 522 -27.55 6.23 23.20
CA LEU B 522 -28.06 7.57 22.95
C LEU B 522 -27.02 8.64 23.26
N GLN B 523 -26.02 8.32 24.06
CA GLN B 523 -24.95 9.27 24.35
C GLN B 523 -24.14 9.68 23.13
N TYR B 524 -24.09 8.83 22.11
CA TYR B 524 -23.24 9.03 20.95
C TYR B 524 -23.96 9.44 19.68
N LEU B 525 -25.26 9.60 19.70
CA LEU B 525 -25.97 9.72 18.46
C LEU B 525 -25.66 11.02 17.78
N ASN B 526 -25.62 12.09 18.54
CA ASN B 526 -25.32 13.35 17.92
C ASN B 526 -23.94 13.32 17.27
N ALA B 527 -22.95 12.75 17.94
CA ALA B 527 -21.60 12.72 17.39
C ALA B 527 -21.54 11.93 16.09
N PHE B 528 -22.24 10.80 16.05
CA PHE B 528 -22.39 10.00 14.83
C PHE B 528 -23.06 10.78 13.70
N VAL B 529 -24.10 11.56 13.98
CA VAL B 529 -24.70 12.32 12.91
C VAL B 529 -23.70 13.32 12.34
N ARG B 530 -22.88 13.91 13.20
CA ARG B 530 -21.91 14.88 12.70
C ARG B 530 -20.79 14.23 11.90
N MET B 531 -20.40 13.00 12.26
CA MET B 531 -19.33 12.35 11.52
C MET B 531 -19.84 11.75 10.19
N TYR B 532 -21.01 11.11 10.22
CA TYR B 532 -21.45 10.27 9.13
C TYR B 532 -22.60 10.88 8.32
N GLY B 533 -23.20 11.94 8.83
CA GLY B 533 -24.41 12.46 8.25
C GLY B 533 -25.64 11.67 8.70
N ALA B 534 -26.77 12.36 8.68
CA ALA B 534 -28.04 11.80 9.11
C ALA B 534 -28.55 10.64 8.27
N ASP B 535 -28.40 10.74 6.96
CA ASP B 535 -28.89 9.66 6.05
C ASP B 535 -28.17 8.32 6.32
N ALA B 536 -26.86 8.38 6.43
CA ALA B 536 -26.08 7.19 6.69
C ALA B 536 -26.44 6.62 8.04
N VAL B 537 -26.58 7.50 9.03
CA VAL B 537 -27.03 7.04 10.34
C VAL B 537 -28.42 6.40 10.24
N GLU B 538 -29.36 7.09 9.59
CA GLU B 538 -30.69 6.51 9.41
C GLU B 538 -30.63 5.12 8.76
N ALA B 539 -29.91 5.06 7.64
CA ALA B 539 -29.79 3.84 6.84
C ALA B 539 -29.10 2.72 7.57
N ALA B 540 -28.02 3.05 8.27
CA ALA B 540 -27.29 2.04 9.03
C ALA B 540 -28.16 1.52 10.15
N SER B 541 -28.90 2.40 10.82
CA SER B 541 -29.77 1.95 11.91
C SER B 541 -30.89 1.08 11.40
N ALA B 542 -31.42 1.45 10.23
CA ALA B 542 -32.44 0.62 9.54
C ALA B 542 -31.88 -0.74 9.16
N ALA B 543 -30.65 -0.78 8.69
CA ALA B 543 -30.02 -2.06 8.46
C ALA B 543 -29.81 -2.85 9.75
N MET B 544 -29.56 -2.18 10.85
CA MET B 544 -29.32 -2.92 12.08
C MET B 544 -30.56 -3.47 12.68
N SER B 545 -31.68 -2.85 12.35
CA SER B 545 -32.96 -3.36 12.77
C SER B 545 -33.39 -4.58 11.92
N GLY B 546 -32.73 -4.82 10.78
CA GLY B 546 -33.18 -5.82 9.84
C GLY B 546 -34.15 -5.20 8.85
N GLU B 547 -34.51 -3.94 9.04
CA GLU B 547 -35.46 -3.36 8.13
C GLU B 547 -34.91 -3.38 6.70
N ALA B 548 -33.77 -2.76 6.44
CA ALA B 548 -33.28 -2.67 5.05
C ALA B 548 -31.78 -2.97 4.96
N ALA B 549 -31.44 -4.25 5.04
CA ALA B 549 -30.05 -4.68 5.18
C ALA B 549 -29.29 -4.62 3.85
N PHE B 550 -30.00 -4.59 2.73
CA PHE B 550 -29.38 -4.80 1.43
C PHE B 550 -29.11 -3.49 0.80
N TYR B 551 -28.32 -2.72 1.53
CA TYR B 551 -28.04 -1.35 1.22
C TYR B 551 -27.46 -1.20 -0.18
N GLY B 552 -28.11 -0.36 -1.01
CA GLY B 552 -27.58 -0.01 -2.33
C GLY B 552 -27.76 -1.08 -3.39
N LEU B 553 -28.41 -2.17 -3.01
CA LEU B 553 -28.77 -3.25 -3.94
C LEU B 553 -30.22 -3.13 -4.41
N GLN B 554 -30.42 -2.67 -5.64
CA GLN B 554 -31.74 -2.69 -6.27
C GLN B 554 -32.12 -4.12 -6.57
N PRO B 555 -33.43 -4.42 -6.63
CA PRO B 555 -33.91 -5.78 -6.94
C PRO B 555 -33.79 -6.05 -8.43
N VAL B 556 -33.67 -7.32 -8.81
CA VAL B 556 -33.25 -7.71 -10.16
C VAL B 556 -34.17 -8.82 -10.71
N ASP B 557 -34.76 -8.57 -11.87
CA ASP B 557 -35.62 -9.55 -12.55
C ASP B 557 -34.87 -10.63 -13.34
N SER B 558 -35.59 -11.65 -13.76
CA SER B 558 -35.07 -12.71 -14.62
C SER B 558 -34.43 -12.30 -15.94
N ASP B 559 -34.78 -11.14 -16.49
CA ASP B 559 -34.15 -10.70 -17.76
C ASP B 559 -33.25 -9.49 -17.53
N LEU B 560 -33.04 -9.16 -16.24
CA LEU B 560 -32.03 -8.20 -15.83
C LEU B 560 -32.27 -6.76 -16.33
N HIS B 561 -33.55 -6.40 -16.49
CA HIS B 561 -33.90 -5.07 -16.97
C HIS B 561 -33.30 -4.08 -15.98
N ALA B 562 -33.17 -4.48 -14.71
CA ALA B 562 -32.50 -3.68 -13.65
C ALA B 562 -31.07 -3.18 -13.97
N PHE B 563 -30.30 -3.92 -14.76
CA PHE B 563 -28.95 -3.51 -15.07
C PHE B 563 -28.88 -2.98 -16.48
N ALA B 564 -28.57 -1.71 -16.65
CA ALA B 564 -28.40 -1.12 -17.99
C ALA B 564 -27.29 -1.83 -18.78
N ALA B 565 -26.16 -2.04 -18.12
CA ALA B 565 -25.03 -2.79 -18.66
C ALA B 565 -25.46 -4.13 -19.25
N HIS B 566 -26.20 -4.89 -18.48
CA HIS B 566 -26.60 -6.21 -18.94
C HIS B 566 -27.58 -6.13 -20.09
N GLN B 567 -28.37 -5.07 -20.13
CA GLN B 567 -29.27 -4.88 -21.24
C GLN B 567 -28.49 -4.58 -22.52
N SER B 568 -27.48 -3.73 -22.39
CA SER B 568 -26.56 -3.45 -23.48
C SER B 568 -25.85 -4.72 -24.03
N LEU B 569 -25.40 -5.56 -23.12
CA LEU B 569 -24.83 -6.83 -23.46
C LEU B 569 -25.83 -7.60 -24.27
N LEU B 570 -27.08 -7.64 -23.85
CA LEU B 570 -28.05 -8.47 -24.59
C LEU B 570 -28.48 -7.87 -25.92
N LYS B 571 -28.43 -6.54 -26.04
CA LYS B 571 -28.68 -5.90 -27.33
C LYS B 571 -27.64 -6.35 -28.35
N ALA B 572 -26.37 -6.33 -27.94
CA ALA B 572 -25.28 -6.89 -28.73
C ALA B 572 -25.53 -8.34 -29.03
N TYR B 573 -25.85 -9.12 -28.03
CA TYR B 573 -25.98 -10.55 -28.30
C TYR B 573 -27.10 -10.82 -29.29
N GLU B 574 -28.12 -9.97 -29.29
CA GLU B 574 -29.26 -10.21 -30.18
C GLU B 574 -28.83 -10.06 -31.65
N LYS B 575 -28.01 -9.06 -31.95
CA LYS B 575 -27.39 -8.93 -33.27
C LYS B 575 -26.75 -10.22 -33.78
N LEU B 576 -26.12 -10.96 -32.88
CA LEU B 576 -25.51 -12.21 -33.27
C LEU B 576 -26.54 -13.30 -33.43
N GLN B 577 -27.52 -13.32 -32.53
CA GLN B 577 -28.61 -14.30 -32.65
C GLN B 577 -29.31 -14.13 -34.00
N ARG B 578 -29.46 -12.86 -34.44
CA ARG B 578 -30.02 -12.53 -35.74
C ARG B 578 -29.18 -13.17 -36.86
N ALA B 579 -27.91 -12.82 -36.88
CA ALA B 579 -26.99 -13.35 -37.88
C ALA B 579 -26.92 -14.88 -37.89
N LYS B 580 -27.09 -15.55 -36.75
CA LYS B 580 -27.10 -16.99 -36.74
C LYS B 580 -28.32 -17.56 -37.45
N ALA B 581 -29.45 -16.89 -37.24
CA ALA B 581 -30.73 -17.32 -37.80
C ALA B 581 -30.70 -17.25 -39.35
N ALA B 582 -30.32 -16.10 -39.90
CA ALA B 582 -30.01 -15.96 -41.35
C ALA B 582 -29.13 -17.11 -41.85
N PHE B 583 -27.94 -17.20 -41.31
CA PHE B 583 -27.00 -18.17 -41.81
C PHE B 583 -27.55 -19.61 -41.80
N TRP B 584 -28.22 -20.06 -40.75
CA TRP B 584 -28.57 -21.50 -40.68
C TRP B 584 -29.80 -21.98 -41.46
HG HG C . 21.51 21.52 7.06
HG HG D . 19.84 22.43 11.87
HG HG E . -21.92 -1.74 -22.13
HG HG F . -19.76 -6.16 -24.02
#